data_8QG1
#
_entry.id   8QG1
#
_cell.length_a   63.129
_cell.length_b   116.146
_cell.length_c   189.485
_cell.angle_alpha   90.000
_cell.angle_beta   90.000
_cell.angle_gamma   90.000
#
_symmetry.space_group_name_H-M   'P 21 21 21'
#
loop_
_entity.id
_entity.type
_entity.pdbx_description
1 polymer 'NADH-quinone oxidoreductase subunit E'
2 polymer 'NADH-quinone oxidoreductase subunit F'
3 non-polymer 'FE2/S2 (INORGANIC) CLUSTER'
4 non-polymer 'SULFATE ION'
5 non-polymer 'CHLORIDE ION'
6 non-polymer 'IRON/SULFUR CLUSTER'
7 non-polymer 'FLAVIN MONONUCLEOTIDE'
8 non-polymer ADENOSINE-5-DIPHOSPHORIBOSE
9 non-polymer GLYCEROL
10 non-polymer 'SODIUM ION'
11 non-polymer '3[N-MORPHOLINO]PROPANE SULFONIC ACID'
12 water water
#
loop_
_entity_poly.entity_id
_entity_poly.type
_entity_poly.pdbx_seq_one_letter_code
_entity_poly.pdbx_strand_id
1 'polypeptide(L)'
;MFKTEFEFPEELKTKLQEHINYFPKKRQAILLCLHEIQNYYGYIPPESLKPLADMLELPLNHVEGVVAFYDMFDREDKAK
YRIRVCVSIVCHLMGTNKLLKALENILGIKPGEVTPDGKFKIVPVQCLGACSEAPVFMVNDDEYKFESEVQLNEILSRYT
;
A,C
2 'polypeptide(L)'
;MRSYPAIPRIYAETTLNMLLKRAKKPRVHSIDEYLKDGGYQALEKALNMSPEEIIDWVDKSTLRGRGGAGFPTGKKWKFA
VQNPGPRYFICNADESEPGTFKDRIIIERDPHLLIEGIIISSYAIGANEAYIYIRGEYPAGYYILRDAIEEAKKKGFLGK
NILGSGFDLEIYVARGAGAYICGEETALIESLEGKRGHPRLKPPYPVQKGLWGKPTVVNNVETIANVPFIISMGWEEYRY
IGPSDYAGPKLFPVSGKVKKPGVYELPMNTTLREVIFKYAGGTLGNKKVKAVFSGALDCFSSEELDIPMDYSPLGFGGTG
TVIVLTEEDDIVEAALKIAEFYEHETCGQCTPCRVGCYEQANLLEKIYKGEATEQDWEGFDFVNRNIQPTSICGLGAVAG
RLIRQTLEKFPEEWEKYRKKSASLPLAGHHHHHH
;
B,D
#
# COMPACT_ATOMS: atom_id res chain seq x y z
N GLU A 5 -22.22 14.76 -34.50
CA GLU A 5 -21.92 13.64 -35.43
C GLU A 5 -20.71 12.85 -34.93
N PHE A 6 -19.69 13.55 -34.43
CA PHE A 6 -18.51 12.90 -33.87
C PHE A 6 -18.81 12.36 -32.48
N GLU A 7 -18.57 11.05 -32.29
CA GLU A 7 -18.68 10.42 -30.99
C GLU A 7 -17.40 9.65 -30.68
N PHE A 8 -16.98 9.69 -29.40
CA PHE A 8 -15.88 8.88 -28.91
C PHE A 8 -16.31 7.41 -28.89
N PRO A 9 -15.46 6.47 -29.37
CA PRO A 9 -15.76 5.04 -29.19
C PRO A 9 -15.85 4.72 -27.71
N GLU A 10 -16.75 3.79 -27.35
CA GLU A 10 -17.08 3.50 -25.96
C GLU A 10 -15.80 3.14 -25.19
N GLU A 11 -14.87 2.46 -25.85
CA GLU A 11 -13.60 2.06 -25.27
C GLU A 11 -12.85 3.30 -24.77
N LEU A 12 -12.84 4.37 -25.56
CA LEU A 12 -12.17 5.60 -25.19
C LEU A 12 -13.03 6.38 -24.20
N LYS A 13 -14.33 6.49 -24.49
CA LYS A 13 -15.25 7.25 -23.65
C LYS A 13 -15.15 6.80 -22.19
N THR A 14 -15.03 5.48 -21.98
CA THR A 14 -14.96 4.88 -20.65
C THR A 14 -13.71 5.37 -19.91
N LYS A 15 -12.59 5.47 -20.63
CA LYS A 15 -11.33 5.91 -20.04
C LYS A 15 -11.41 7.39 -19.69
N LEU A 16 -11.99 8.17 -20.60
CA LEU A 16 -12.16 9.60 -20.39
C LEU A 16 -13.00 9.83 -19.13
N GLN A 17 -14.09 9.07 -19.01
CA GLN A 17 -15.01 9.21 -17.90
C GLN A 17 -14.31 8.84 -16.59
N GLU A 18 -13.38 7.89 -16.67
CA GLU A 18 -12.61 7.44 -15.52
C GLU A 18 -11.70 8.57 -15.02
N HIS A 19 -11.05 9.28 -15.95
CA HIS A 19 -10.21 10.42 -15.60
C HIS A 19 -11.05 11.53 -14.97
N ILE A 20 -12.24 11.76 -15.53
CA ILE A 20 -13.12 12.84 -15.08
C ILE A 20 -13.63 12.56 -13.66
N ASN A 21 -13.79 11.28 -13.30
CA ASN A 21 -14.25 10.89 -11.97
C ASN A 21 -13.10 10.87 -10.95
N TYR A 22 -11.85 10.97 -11.42
CA TYR A 22 -10.67 10.72 -10.60
C TYR A 22 -10.41 11.87 -9.62
N PHE A 23 -10.27 13.09 -10.14
CA PHE A 23 -10.04 14.25 -9.29
C PHE A 23 -11.37 14.71 -8.68
N PRO A 24 -11.35 15.53 -7.61
CA PRO A 24 -12.58 16.09 -7.04
C PRO A 24 -13.43 16.90 -8.03
N LYS A 25 -12.79 17.61 -8.96
CA LYS A 25 -13.50 18.44 -9.92
C LYS A 25 -13.20 17.97 -11.34
N LYS A 26 -14.24 17.93 -12.17
CA LYS A 26 -14.19 17.33 -13.50
C LYS A 26 -13.11 18.01 -14.33
N ARG A 27 -13.04 19.34 -14.27
CA ARG A 27 -12.20 20.11 -15.17
C ARG A 27 -10.70 19.89 -14.93
N GLN A 28 -10.33 19.34 -13.77
CA GLN A 28 -8.93 19.02 -13.47
C GLN A 28 -8.44 17.87 -14.37
N ALA A 29 -9.36 17.11 -14.95
CA ALA A 29 -9.03 15.94 -15.76
C ALA A 29 -8.66 16.31 -17.20
N ILE A 30 -8.66 17.61 -17.56
CA ILE A 30 -8.56 18.03 -18.94
C ILE A 30 -7.31 17.47 -19.62
N LEU A 31 -6.14 17.58 -18.97
CA LEU A 31 -4.90 17.15 -19.60
C LEU A 31 -4.82 15.62 -19.71
N LEU A 32 -5.29 14.89 -18.69
CA LEU A 32 -5.31 13.44 -18.74
C LEU A 32 -6.21 12.96 -19.89
N CYS A 33 -7.36 13.64 -20.06
CA CYS A 33 -8.29 13.35 -21.14
C CYS A 33 -7.62 13.58 -22.50
N LEU A 34 -6.92 14.71 -22.66
CA LEU A 34 -6.31 15.06 -23.94
C LEU A 34 -5.16 14.11 -24.27
N HIS A 35 -4.42 13.65 -23.26
CA HIS A 35 -3.39 12.63 -23.47
C HIS A 35 -4.04 11.35 -23.99
N GLU A 36 -5.14 10.97 -23.36
CA GLU A 36 -5.86 9.76 -23.70
C GLU A 36 -6.34 9.83 -25.15
N ILE A 37 -6.86 11.01 -25.53
CA ILE A 37 -7.35 11.23 -26.89
C ILE A 37 -6.20 11.09 -27.88
N GLN A 38 -5.04 11.69 -27.58
CA GLN A 38 -3.90 11.67 -28.48
C GLN A 38 -3.33 10.25 -28.56
N ASN A 39 -3.38 9.52 -27.44
CA ASN A 39 -2.97 8.13 -27.42
C ASN A 39 -3.83 7.33 -28.40
N TYR A 40 -5.15 7.55 -28.37
CA TYR A 40 -6.09 6.74 -29.14
C TYR A 40 -5.96 7.01 -30.64
N TYR A 41 -5.88 8.30 -31.02
CA TYR A 41 -6.01 8.71 -32.42
C TYR A 41 -4.67 8.96 -33.09
N GLY A 42 -3.60 9.12 -32.30
CA GLY A 42 -2.29 9.52 -32.83
C GLY A 42 -2.18 11.03 -33.04
N TYR A 43 -3.19 11.77 -32.53
CA TYR A 43 -3.23 13.23 -32.57
C TYR A 43 -4.50 13.68 -31.85
N ILE A 44 -4.69 15.00 -31.73
CA ILE A 44 -5.94 15.54 -31.22
C ILE A 44 -6.83 15.89 -32.42
N PRO A 45 -7.87 15.10 -32.75
CA PRO A 45 -8.83 15.52 -33.78
C PRO A 45 -9.60 16.76 -33.34
N PRO A 46 -9.61 17.86 -34.14
CA PRO A 46 -10.40 19.05 -33.80
C PRO A 46 -11.84 18.76 -33.39
N GLU A 47 -12.48 17.79 -34.06
CA GLU A 47 -13.86 17.42 -33.80
C GLU A 47 -14.04 16.91 -32.37
N SER A 48 -12.97 16.33 -31.79
CA SER A 48 -13.04 15.70 -30.49
C SER A 48 -13.25 16.72 -29.38
N LEU A 49 -12.94 18.00 -29.65
CA LEU A 49 -12.83 18.99 -28.58
C LEU A 49 -14.20 19.38 -28.04
N LYS A 50 -15.22 19.46 -28.91
CA LYS A 50 -16.55 19.89 -28.45
C LYS A 50 -17.11 18.85 -27.47
N PRO A 51 -17.21 17.55 -27.82
CA PRO A 51 -17.71 16.55 -26.86
C PRO A 51 -16.89 16.42 -25.58
N LEU A 52 -15.57 16.67 -25.63
CA LEU A 52 -14.76 16.64 -24.42
C LEU A 52 -15.16 17.79 -23.50
N ALA A 53 -15.34 18.99 -24.09
CA ALA A 53 -15.76 20.17 -23.35
C ALA A 53 -17.06 19.90 -22.62
N ASP A 54 -18.02 19.27 -23.30
CA ASP A 54 -19.28 18.87 -22.69
C ASP A 54 -18.99 17.96 -21.49
N MET A 55 -18.11 16.98 -21.68
CA MET A 55 -17.82 16.00 -20.65
C MET A 55 -17.15 16.67 -19.44
N LEU A 56 -16.36 17.71 -19.70
CA LEU A 56 -15.66 18.44 -18.64
C LEU A 56 -16.52 19.58 -18.10
N GLU A 57 -17.68 19.83 -18.72
CA GLU A 57 -18.55 20.94 -18.37
C GLU A 57 -17.76 22.25 -18.45
N LEU A 58 -16.96 22.37 -19.51
CA LEU A 58 -16.18 23.58 -19.79
C LEU A 58 -16.65 24.14 -21.13
N PRO A 59 -16.48 25.45 -21.40
CA PRO A 59 -16.70 25.99 -22.74
C PRO A 59 -15.68 25.45 -23.74
N LEU A 60 -16.07 25.41 -25.02
CA LEU A 60 -15.21 24.88 -26.06
C LEU A 60 -13.92 25.68 -26.17
N ASN A 61 -14.01 27.03 -26.17
CA ASN A 61 -12.85 27.86 -26.40
C ASN A 61 -11.84 27.71 -25.26
N HIS A 62 -12.31 27.30 -24.07
CA HIS A 62 -11.42 27.00 -22.96
C HIS A 62 -10.56 25.79 -23.33
N VAL A 63 -11.21 24.73 -23.81
CA VAL A 63 -10.54 23.51 -24.19
C VAL A 63 -9.56 23.80 -25.34
N GLU A 64 -10.02 24.56 -26.34
CA GLU A 64 -9.18 24.86 -27.50
C GLU A 64 -7.91 25.58 -27.06
N GLY A 65 -8.06 26.53 -26.12
CA GLY A 65 -6.93 27.30 -25.62
C GLY A 65 -5.92 26.44 -24.88
N VAL A 66 -6.43 25.42 -24.16
CA VAL A 66 -5.56 24.51 -23.42
C VAL A 66 -4.79 23.65 -24.41
N VAL A 67 -5.45 23.15 -25.46
CA VAL A 67 -4.78 22.32 -26.45
C VAL A 67 -3.68 23.13 -27.11
N ALA A 68 -4.00 24.38 -27.45
CA ALA A 68 -3.06 25.29 -28.09
C ALA A 68 -1.83 25.53 -27.21
N PHE A 69 -2.04 25.61 -25.90
CA PHE A 69 -0.99 26.03 -24.98
C PHE A 69 0.08 24.95 -24.75
N TYR A 70 -0.35 23.69 -24.66
CA TYR A 70 0.52 22.62 -24.18
C TYR A 70 1.17 21.92 -25.39
N ASP A 71 2.51 21.94 -25.40
CA ASP A 71 3.29 21.58 -26.58
C ASP A 71 3.18 20.09 -26.93
N MET A 72 2.78 19.23 -25.98
CA MET A 72 2.76 17.80 -26.25
C MET A 72 1.61 17.45 -27.19
N PHE A 73 0.55 18.28 -27.20
CA PHE A 73 -0.63 17.98 -28.00
C PHE A 73 -0.43 18.48 -29.43
N ASP A 74 -0.95 17.71 -30.38
CA ASP A 74 -0.75 17.94 -31.80
C ASP A 74 -2.08 17.73 -32.51
N ARG A 75 -2.61 18.80 -33.13
CA ARG A 75 -3.87 18.74 -33.85
C ARG A 75 -3.63 18.58 -35.36
N GLU A 76 -2.37 18.64 -35.80
CA GLU A 76 -2.03 18.72 -37.20
C GLU A 76 -1.82 17.33 -37.78
N ASP A 77 -0.90 16.56 -37.18
CA ASP A 77 -0.38 15.35 -37.80
C ASP A 77 -0.73 14.11 -36.98
N LYS A 78 -1.37 13.14 -37.66
CA LYS A 78 -1.58 11.80 -37.16
C LYS A 78 -0.26 11.04 -37.27
N ALA A 79 0.18 10.44 -36.16
CA ALA A 79 1.37 9.61 -36.17
C ALA A 79 1.21 8.47 -35.16
N LYS A 80 1.53 7.24 -35.58
CA LYS A 80 1.43 6.11 -34.68
C LYS A 80 2.46 6.24 -33.58
N TYR A 81 3.70 6.59 -33.94
CA TYR A 81 4.78 6.73 -32.98
C TYR A 81 5.39 8.12 -33.08
N ARG A 82 5.49 8.81 -31.93
CA ARG A 82 6.18 10.10 -31.86
C ARG A 82 7.59 9.89 -31.33
N ILE A 83 8.56 10.20 -32.18
CA ILE A 83 9.96 10.17 -31.83
C ILE A 83 10.34 11.56 -31.33
N ARG A 84 10.36 11.73 -30.00
CA ARG A 84 10.72 13.01 -29.40
C ARG A 84 12.24 13.06 -29.24
N VAL A 85 12.86 14.03 -29.91
CA VAL A 85 14.31 14.19 -29.87
C VAL A 85 14.63 15.47 -29.08
N CYS A 86 15.41 15.32 -28.01
CA CYS A 86 15.81 16.47 -27.23
C CYS A 86 16.81 17.34 -28.00
N VAL A 87 16.54 18.65 -28.07
CA VAL A 87 17.40 19.59 -28.79
C VAL A 87 17.99 20.62 -27.83
N SER A 88 17.92 20.36 -26.52
CA SER A 88 18.42 21.30 -25.52
C SER A 88 19.93 21.14 -25.35
N ILE A 89 20.50 21.98 -24.46
CA ILE A 89 21.93 22.19 -24.34
C ILE A 89 22.71 20.87 -24.22
N VAL A 90 22.41 20.01 -23.24
CA VAL A 90 23.27 18.85 -22.98
C VAL A 90 23.23 17.89 -24.18
N CYS A 91 22.04 17.54 -24.64
CA CYS A 91 21.95 16.64 -25.78
C CYS A 91 22.60 17.24 -27.02
N HIS A 92 22.55 18.57 -27.16
CA HIS A 92 23.20 19.24 -28.28
C HIS A 92 24.71 19.05 -28.19
N LEU A 93 25.29 19.31 -27.01
CA LEU A 93 26.72 19.11 -26.74
C LEU A 93 27.14 17.67 -27.02
N MET A 94 26.29 16.69 -26.70
CA MET A 94 26.68 15.30 -26.68
C MET A 94 26.23 14.55 -27.93
N GLY A 95 25.47 15.21 -28.83
CA GLY A 95 25.32 14.72 -30.20
C GLY A 95 23.88 14.58 -30.71
N THR A 96 23.00 15.54 -30.41
CA THR A 96 21.66 15.59 -31.00
C THR A 96 21.74 15.45 -32.53
N ASN A 97 22.74 16.09 -33.16
CA ASN A 97 22.79 16.16 -34.61
C ASN A 97 23.14 14.80 -35.21
N LYS A 98 23.92 13.99 -34.48
CA LYS A 98 24.23 12.63 -34.90
C LYS A 98 22.98 11.76 -34.87
N LEU A 99 22.13 11.99 -33.86
CA LEU A 99 20.87 11.26 -33.70
C LEU A 99 19.90 11.63 -34.83
N LEU A 100 19.77 12.93 -35.12
CA LEU A 100 18.88 13.39 -36.18
C LEU A 100 19.33 12.82 -37.53
N LYS A 101 20.65 12.74 -37.75
CA LYS A 101 21.17 12.22 -38.99
C LYS A 101 20.81 10.75 -39.14
N ALA A 102 21.01 9.97 -38.06
CA ALA A 102 20.69 8.55 -38.06
C ALA A 102 19.19 8.34 -38.32
N LEU A 103 18.36 9.18 -37.71
CA LEU A 103 16.92 9.11 -37.93
C LEU A 103 16.58 9.35 -39.40
N GLU A 104 17.26 10.33 -40.01
CA GLU A 104 17.04 10.63 -41.42
C GLU A 104 17.47 9.46 -42.30
N ASN A 105 18.57 8.79 -41.94
CA ASN A 105 19.08 7.66 -42.71
C ASN A 105 18.09 6.49 -42.67
N ILE A 106 17.55 6.20 -41.50
CA ILE A 106 16.68 5.05 -41.31
C ILE A 106 15.28 5.35 -41.87
N LEU A 107 14.70 6.52 -41.54
CA LEU A 107 13.29 6.79 -41.77
C LEU A 107 13.06 7.70 -42.98
N GLY A 108 14.07 8.50 -43.34
CA GLY A 108 13.95 9.42 -44.48
C GLY A 108 13.21 10.72 -44.13
N ILE A 109 13.22 11.13 -42.85
CA ILE A 109 12.51 12.33 -42.46
C ILE A 109 13.35 13.16 -41.49
N LYS A 110 12.97 14.44 -41.41
CA LYS A 110 13.60 15.45 -40.58
C LYS A 110 12.63 15.89 -39.49
N PRO A 111 13.09 16.66 -38.48
CA PRO A 111 12.19 17.19 -37.45
C PRO A 111 10.94 17.85 -38.02
N GLY A 112 9.78 17.55 -37.42
CA GLY A 112 8.51 18.12 -37.83
C GLY A 112 7.81 17.32 -38.93
N GLU A 113 8.48 16.33 -39.53
CA GLU A 113 7.92 15.57 -40.64
C GLU A 113 7.39 14.22 -40.18
N VAL A 114 6.44 13.67 -40.96
CA VAL A 114 5.88 12.34 -40.74
C VAL A 114 6.27 11.44 -41.91
N THR A 115 6.56 10.15 -41.63
CA THR A 115 6.86 9.20 -42.69
C THR A 115 5.62 8.98 -43.55
N PRO A 116 5.74 8.59 -44.84
CA PRO A 116 4.60 8.50 -45.74
C PRO A 116 3.49 7.55 -45.29
N ASP A 117 3.86 6.55 -44.46
CA ASP A 117 2.94 5.53 -43.98
C ASP A 117 2.20 6.01 -42.73
N GLY A 118 2.57 7.19 -42.21
CA GLY A 118 1.94 7.76 -41.03
C GLY A 118 2.44 7.13 -39.73
N LYS A 119 3.56 6.41 -39.82
CA LYS A 119 4.02 5.56 -38.72
C LYS A 119 4.84 6.36 -37.71
N PHE A 120 5.77 7.19 -38.22
CA PHE A 120 6.71 7.90 -37.37
C PHE A 120 6.65 9.41 -37.64
N LYS A 121 6.62 10.19 -36.56
CA LYS A 121 6.84 11.63 -36.64
C LYS A 121 7.98 12.03 -35.71
N ILE A 122 8.95 12.78 -36.23
CA ILE A 122 10.02 13.33 -35.40
C ILE A 122 9.55 14.67 -34.83
N VAL A 123 9.61 14.76 -33.50
CA VAL A 123 9.18 15.95 -32.77
C VAL A 123 10.38 16.46 -31.98
N PRO A 124 10.93 17.65 -32.30
CA PRO A 124 12.00 18.24 -31.50
C PRO A 124 11.43 18.77 -30.18
N VAL A 125 12.07 18.45 -29.06
CA VAL A 125 11.54 18.82 -27.75
C VAL A 125 12.67 19.40 -26.90
N GLN A 126 12.28 20.09 -25.84
CA GLN A 126 13.24 20.62 -24.87
C GLN A 126 13.64 19.50 -23.92
N CYS A 127 14.65 19.76 -23.10
CA CYS A 127 15.25 18.83 -22.14
C CYS A 127 14.24 17.83 -21.59
N LEU A 128 14.58 16.54 -21.73
CA LEU A 128 13.72 15.42 -21.31
C LEU A 128 14.05 14.93 -19.90
N GLY A 129 14.96 15.64 -19.20
CA GLY A 129 15.31 15.24 -17.85
C GLY A 129 16.03 13.89 -17.81
N ALA A 130 16.94 13.66 -18.76
CA ALA A 130 17.79 12.47 -18.76
C ALA A 130 19.18 12.81 -19.28
N CYS A 131 19.70 13.97 -18.86
CA CYS A 131 20.79 14.64 -19.56
C CYS A 131 22.09 13.84 -19.46
N SER A 132 22.25 13.08 -18.37
CA SER A 132 23.40 12.20 -18.17
C SER A 132 23.48 11.12 -19.26
N GLU A 133 22.34 10.85 -19.91
CA GLU A 133 22.26 9.81 -20.92
C GLU A 133 22.07 10.43 -22.31
N ALA A 134 22.57 11.66 -22.47
CA ALA A 134 22.48 12.38 -23.73
C ALA A 134 23.27 11.67 -24.82
N PRO A 135 22.85 11.76 -26.11
CA PRO A 135 21.62 12.43 -26.52
C PRO A 135 20.38 11.55 -26.36
N VAL A 136 19.28 12.14 -25.90
CA VAL A 136 18.09 11.42 -25.45
C VAL A 136 16.98 11.50 -26.49
N PHE A 137 16.22 10.41 -26.63
CA PHE A 137 14.97 10.46 -27.38
C PHE A 137 13.93 9.55 -26.75
N MET A 138 12.67 9.84 -27.06
CA MET A 138 11.55 9.00 -26.69
C MET A 138 10.93 8.42 -27.97
N VAL A 139 10.33 7.24 -27.84
CA VAL A 139 9.43 6.70 -28.85
C VAL A 139 8.11 6.42 -28.13
N ASN A 140 7.10 7.28 -28.38
CA ASN A 140 5.95 7.40 -27.50
C ASN A 140 6.48 7.50 -26.07
N ASP A 141 6.09 6.56 -25.19
CA ASP A 141 6.37 6.69 -23.77
C ASP A 141 7.75 6.13 -23.43
N ASP A 142 8.34 5.33 -24.32
CA ASP A 142 9.66 4.74 -24.07
C ASP A 142 10.74 5.79 -24.32
N GLU A 143 11.79 5.75 -23.50
CA GLU A 143 12.86 6.73 -23.54
C GLU A 143 14.21 6.03 -23.57
N TYR A 144 15.15 6.58 -24.34
CA TYR A 144 16.40 5.91 -24.66
C TYR A 144 17.54 6.89 -24.84
N LYS A 145 18.76 6.44 -24.51
CA LYS A 145 19.99 7.06 -24.98
C LYS A 145 20.31 6.57 -26.40
N PHE A 146 20.60 7.52 -27.31
CA PHE A 146 21.15 7.21 -28.62
C PHE A 146 22.63 6.87 -28.50
N GLU A 147 23.03 5.71 -29.06
CA GLU A 147 24.41 5.27 -29.05
C GLU A 147 25.01 5.33 -30.46
N SER A 148 24.26 4.89 -31.48
CA SER A 148 24.72 4.82 -32.85
C SER A 148 23.55 4.48 -33.78
N GLU A 149 23.78 4.57 -35.08
CA GLU A 149 22.74 4.30 -36.06
C GLU A 149 22.29 2.83 -35.98
N VAL A 150 23.25 1.90 -35.86
CA VAL A 150 22.92 0.48 -35.80
C VAL A 150 22.03 0.21 -34.58
N GLN A 151 22.35 0.88 -33.46
CA GLN A 151 21.60 0.70 -32.23
C GLN A 151 20.19 1.29 -32.38
N LEU A 152 20.12 2.52 -32.90
CA LEU A 152 18.85 3.19 -33.13
C LEU A 152 17.94 2.33 -34.01
N ASN A 153 18.53 1.74 -35.07
CA ASN A 153 17.80 0.94 -36.02
C ASN A 153 17.15 -0.26 -35.34
N GLU A 154 17.88 -0.88 -34.41
CA GLU A 154 17.38 -2.03 -33.68
C GLU A 154 16.21 -1.60 -32.80
N ILE A 155 16.36 -0.47 -32.11
CA ILE A 155 15.30 0.04 -31.24
C ILE A 155 14.04 0.28 -32.06
N LEU A 156 14.16 0.94 -33.21
CA LEU A 156 13.02 1.35 -34.01
C LEU A 156 12.31 0.13 -34.59
N SER A 157 13.05 -0.97 -34.80
CA SER A 157 12.47 -2.18 -35.37
C SER A 157 11.45 -2.79 -34.40
N ARG A 158 11.49 -2.41 -33.13
CA ARG A 158 10.59 -2.95 -32.11
C ARG A 158 9.21 -2.31 -32.20
N TYR A 159 9.09 -1.18 -32.92
CA TYR A 159 7.82 -0.48 -33.09
C TYR A 159 7.28 -0.74 -34.50
N THR A 160 6.12 -1.41 -34.57
CA THR A 160 5.63 -1.98 -35.81
C THR A 160 4.23 -1.44 -36.16
N SER B 3 4.75 -3.66 -15.53
CA SER B 3 5.53 -3.36 -16.76
C SER B 3 5.42 -1.87 -17.12
N TYR B 4 6.55 -1.17 -17.08
CA TYR B 4 6.57 0.27 -17.30
C TYR B 4 7.31 0.59 -18.60
N PRO B 5 7.11 1.80 -19.17
CA PRO B 5 7.89 2.24 -20.32
C PRO B 5 9.39 2.28 -20.03
N ALA B 6 10.20 2.19 -21.10
CA ALA B 6 11.65 2.19 -20.98
C ALA B 6 12.14 3.51 -20.40
N ILE B 7 13.09 3.41 -19.45
CA ILE B 7 13.77 4.53 -18.84
C ILE B 7 15.27 4.31 -18.98
N PRO B 8 16.07 5.30 -19.43
CA PRO B 8 17.53 5.18 -19.42
C PRO B 8 18.01 4.92 -17.99
N ARG B 9 19.10 4.15 -17.85
CA ARG B 9 19.62 3.79 -16.55
C ARG B 9 20.65 4.83 -16.10
N ILE B 10 20.15 5.93 -15.55
CA ILE B 10 20.99 7.02 -15.07
C ILE B 10 21.83 6.49 -13.91
N TYR B 11 23.13 6.78 -13.96
CA TYR B 11 24.05 6.37 -12.91
C TYR B 11 23.76 7.19 -11.65
N ALA B 12 23.85 6.53 -10.48
CA ALA B 12 23.57 7.18 -9.21
C ALA B 12 24.57 6.70 -8.17
N GLU B 13 25.08 7.63 -7.35
CA GLU B 13 26.10 7.31 -6.35
C GLU B 13 25.86 8.18 -5.12
N THR B 14 26.07 7.63 -3.92
CA THR B 14 25.80 8.33 -2.68
C THR B 14 26.93 8.10 -1.68
N THR B 15 27.30 9.16 -0.94
CA THR B 15 28.19 9.04 0.20
C THR B 15 27.41 9.02 1.52
N LEU B 16 26.08 9.16 1.45
CA LEU B 16 25.26 9.35 2.64
C LEU B 16 24.25 8.21 2.82
N ASN B 17 23.86 7.57 1.71
CA ASN B 17 22.97 6.41 1.74
C ASN B 17 21.62 6.78 2.36
N MET B 18 21.01 7.88 1.88
CA MET B 18 19.74 8.32 2.40
C MET B 18 18.71 8.34 1.25
N LEU B 19 18.68 9.44 0.48
CA LEU B 19 17.74 9.58 -0.63
C LEU B 19 18.00 8.49 -1.67
N LEU B 20 19.26 8.08 -1.82
CA LEU B 20 19.65 7.12 -2.84
C LEU B 20 19.92 5.74 -2.25
N LYS B 21 19.45 5.46 -1.03
CA LYS B 21 19.74 4.17 -0.44
C LYS B 21 19.22 3.04 -1.34
N ARG B 22 17.99 3.22 -1.87
CA ARG B 22 17.44 2.25 -2.81
C ARG B 22 17.62 2.76 -4.24
N ALA B 23 17.49 4.07 -4.45
CA ALA B 23 17.45 4.63 -5.79
C ALA B 23 18.84 4.68 -6.45
N LYS B 24 19.89 4.27 -5.74
CA LYS B 24 21.18 4.07 -6.37
C LYS B 24 21.12 2.85 -7.31
N LYS B 25 20.11 2.00 -7.16
CA LYS B 25 19.90 0.87 -8.06
C LYS B 25 18.81 1.21 -9.05
N PRO B 26 19.05 1.09 -10.38
CA PRO B 26 18.11 1.61 -11.37
C PRO B 26 16.91 0.70 -11.66
N ARG B 27 16.01 0.60 -10.68
CA ARG B 27 14.81 -0.21 -10.83
C ARG B 27 13.75 0.26 -9.85
N VAL B 28 12.50 -0.12 -10.09
CA VAL B 28 11.40 0.21 -9.19
C VAL B 28 11.54 -0.62 -7.91
N HIS B 29 11.56 0.07 -6.76
CA HIS B 29 11.50 -0.59 -5.46
C HIS B 29 10.07 -0.50 -4.93
N SER B 30 9.39 -1.65 -4.83
CA SER B 30 8.00 -1.70 -4.43
C SER B 30 7.90 -1.70 -2.90
N ILE B 31 6.66 -1.73 -2.39
CA ILE B 31 6.40 -1.39 -1.00
C ILE B 31 7.01 -2.42 -0.06
N ASP B 32 7.10 -3.69 -0.48
CA ASP B 32 7.67 -4.73 0.36
C ASP B 32 9.16 -4.46 0.62
N GLU B 33 9.89 -4.08 -0.43
CA GLU B 33 11.28 -3.71 -0.31
C GLU B 33 11.42 -2.48 0.57
N TYR B 34 10.52 -1.51 0.38
CA TYR B 34 10.54 -0.27 1.15
C TYR B 34 10.31 -0.59 2.63
N LEU B 35 9.34 -1.48 2.90
CA LEU B 35 9.00 -1.84 4.26
C LEU B 35 10.15 -2.58 4.95
N LYS B 36 10.89 -3.41 4.19
CA LYS B 36 12.00 -4.17 4.74
C LYS B 36 13.12 -3.24 5.23
N ASP B 37 13.27 -2.08 4.57
CA ASP B 37 14.25 -1.09 4.97
C ASP B 37 13.70 -0.17 6.06
N GLY B 38 12.56 -0.54 6.68
CA GLY B 38 12.00 0.25 7.76
C GLY B 38 11.11 1.39 7.26
N GLY B 39 10.70 1.30 5.99
CA GLY B 39 9.85 2.31 5.39
C GLY B 39 8.50 2.43 6.12
N TYR B 40 7.98 3.67 6.14
CA TYR B 40 6.67 4.02 6.67
C TYR B 40 6.65 3.98 8.20
N GLN B 41 7.76 3.62 8.84
CA GLN B 41 7.84 3.72 10.30
C GLN B 41 7.96 5.18 10.72
N ALA B 42 8.53 6.03 9.87
CA ALA B 42 8.60 7.46 10.14
C ALA B 42 7.19 8.05 10.13
N LEU B 43 6.36 7.63 9.16
CA LEU B 43 4.97 8.03 9.13
C LEU B 43 4.28 7.64 10.43
N GLU B 44 4.46 6.38 10.87
CA GLU B 44 3.84 5.91 12.09
C GLU B 44 4.26 6.80 13.25
N LYS B 45 5.54 7.15 13.31
CA LYS B 45 6.07 8.01 14.37
C LYS B 45 5.45 9.41 14.25
N ALA B 46 5.33 9.93 13.03
CA ALA B 46 4.79 11.25 12.80
C ALA B 46 3.33 11.34 13.28
N LEU B 47 2.54 10.30 12.99
CA LEU B 47 1.13 10.29 13.37
C LEU B 47 0.95 10.27 14.88
N ASN B 48 2.01 9.90 15.63
CA ASN B 48 1.98 9.96 17.09
C ASN B 48 2.41 11.33 17.60
N MET B 49 2.79 12.23 16.69
CA MET B 49 3.16 13.60 17.06
C MET B 49 2.04 14.54 16.63
N SER B 50 2.02 15.73 17.22
CA SER B 50 1.13 16.79 16.76
C SER B 50 1.66 17.33 15.44
N PRO B 51 0.79 17.83 14.53
CA PRO B 51 1.26 18.54 13.34
C PRO B 51 2.25 19.66 13.65
N GLU B 52 1.99 20.42 14.73
CA GLU B 52 2.83 21.54 15.13
C GLU B 52 4.25 21.06 15.40
N GLU B 53 4.33 19.92 16.09
CA GLU B 53 5.60 19.30 16.46
C GLU B 53 6.40 18.96 15.19
N ILE B 54 5.72 18.41 14.18
CA ILE B 54 6.34 18.02 12.93
C ILE B 54 6.89 19.25 12.22
N ILE B 55 6.12 20.35 12.23
CA ILE B 55 6.54 21.60 11.63
C ILE B 55 7.81 22.09 12.33
N ASP B 56 7.81 22.01 13.66
CA ASP B 56 8.93 22.48 14.46
C ASP B 56 10.20 21.69 14.12
N TRP B 57 10.06 20.37 13.99
CA TRP B 57 11.18 19.50 13.62
C TRP B 57 11.72 19.86 12.24
N VAL B 58 10.82 20.04 11.29
CA VAL B 58 11.23 20.35 9.92
C VAL B 58 11.90 21.72 9.90
N ASP B 59 11.39 22.66 10.71
CA ASP B 59 11.98 23.98 10.85
C ASP B 59 13.42 23.85 11.37
N LYS B 60 13.58 23.15 12.50
CA LYS B 60 14.87 23.06 13.17
C LYS B 60 15.87 22.22 12.36
N SER B 61 15.39 21.40 11.43
CA SER B 61 16.28 20.60 10.60
C SER B 61 17.15 21.47 9.70
N THR B 62 16.66 22.70 9.42
CA THR B 62 17.23 23.66 8.48
C THR B 62 17.01 23.22 7.02
N LEU B 63 16.07 22.28 6.79
CA LEU B 63 15.72 21.87 5.43
C LEU B 63 15.27 23.09 4.63
N ARG B 64 15.80 23.23 3.41
CA ARG B 64 15.47 24.30 2.50
C ARG B 64 14.97 23.71 1.19
N GLY B 65 14.13 24.47 0.49
CA GLY B 65 13.61 24.04 -0.80
C GLY B 65 14.72 23.56 -1.73
N ARG B 66 14.46 22.43 -2.39
CA ARG B 66 15.41 21.82 -3.33
C ARG B 66 14.95 22.05 -4.77
N GLY B 67 13.94 22.91 -4.96
CA GLY B 67 13.36 23.14 -6.27
C GLY B 67 13.99 24.35 -6.99
N GLY B 68 14.93 25.02 -6.32
CA GLY B 68 15.72 26.05 -6.97
C GLY B 68 15.96 27.31 -6.13
N ALA B 69 15.00 27.68 -5.27
CA ALA B 69 15.01 28.98 -4.59
C ALA B 69 15.46 28.88 -3.13
N GLY B 70 15.53 27.66 -2.58
CA GLY B 70 16.13 27.45 -1.26
C GLY B 70 15.37 28.08 -0.09
N PHE B 71 14.04 28.18 -0.19
CA PHE B 71 13.24 28.77 0.87
C PHE B 71 13.10 27.78 2.03
N PRO B 72 13.20 28.21 3.30
CA PRO B 72 13.10 27.30 4.45
C PRO B 72 11.74 26.61 4.52
N THR B 73 11.77 25.27 4.54
CA THR B 73 10.58 24.45 4.35
C THR B 73 9.62 24.57 5.53
N GLY B 74 10.15 24.47 6.75
CA GLY B 74 9.33 24.58 7.96
C GLY B 74 8.60 25.91 8.03
N LYS B 75 9.31 26.99 7.67
CA LYS B 75 8.73 28.32 7.70
C LYS B 75 7.62 28.44 6.65
N LYS B 76 7.83 27.84 5.47
CA LYS B 76 6.77 27.82 4.47
C LYS B 76 5.53 27.17 5.08
N TRP B 77 5.70 26.06 5.78
CA TRP B 77 4.59 25.33 6.37
C TRP B 77 3.87 26.18 7.42
N LYS B 78 4.64 26.83 8.31
CA LYS B 78 4.12 27.73 9.31
C LYS B 78 3.23 28.80 8.68
N PHE B 79 3.69 29.41 7.58
CA PHE B 79 2.91 30.44 6.90
C PHE B 79 1.55 29.88 6.48
N ALA B 80 1.53 28.64 5.99
CA ALA B 80 0.31 28.03 5.50
C ALA B 80 -0.69 27.88 6.65
N VAL B 81 -0.22 27.31 7.76
CA VAL B 81 -1.10 26.85 8.81
C VAL B 81 -1.62 28.03 9.64
N GLN B 82 -1.09 29.25 9.43
CA GLN B 82 -1.64 30.40 10.13
C GLN B 82 -2.90 30.88 9.40
N ASN B 83 -3.19 30.29 8.23
CA ASN B 83 -4.36 30.63 7.44
C ASN B 83 -5.42 29.53 7.57
N PRO B 84 -6.72 29.89 7.59
CA PRO B 84 -7.80 28.90 7.74
C PRO B 84 -7.86 27.89 6.61
N GLY B 85 -8.18 26.64 6.97
CA GLY B 85 -8.30 25.55 6.02
C GLY B 85 -9.62 25.62 5.25
N PRO B 86 -9.90 24.67 4.33
CA PRO B 86 -9.01 23.53 4.09
C PRO B 86 -7.72 23.96 3.39
N ARG B 87 -6.67 23.13 3.54
CA ARG B 87 -5.37 23.40 2.95
C ARG B 87 -5.02 22.26 1.99
N TYR B 88 -4.13 22.57 1.04
CA TYR B 88 -3.69 21.58 0.06
C TYR B 88 -2.18 21.46 0.08
N PHE B 89 -1.72 20.26 -0.24
CA PHE B 89 -0.30 19.98 -0.37
C PHE B 89 -0.03 19.52 -1.80
N ILE B 90 0.97 20.15 -2.44
CA ILE B 90 1.34 19.82 -3.80
C ILE B 90 2.82 19.44 -3.85
N CYS B 91 3.07 18.25 -4.39
CA CYS B 91 4.40 17.83 -4.77
C CYS B 91 4.66 18.26 -6.22
N ASN B 92 5.70 19.07 -6.38
CA ASN B 92 6.10 19.59 -7.68
C ASN B 92 7.08 18.61 -8.32
N ALA B 93 6.59 17.85 -9.31
CA ALA B 93 7.43 16.92 -10.03
C ALA B 93 7.52 17.31 -11.51
N ASP B 94 7.58 18.62 -11.79
CA ASP B 94 7.58 19.08 -13.17
C ASP B 94 8.99 19.09 -13.79
N GLU B 95 10.03 19.05 -12.94
CA GLU B 95 11.44 18.96 -13.34
C GLU B 95 11.67 18.98 -14.85
N SER B 96 11.92 20.17 -15.40
CA SER B 96 12.04 20.36 -16.84
C SER B 96 13.17 21.31 -17.22
N GLU B 97 13.91 21.83 -16.23
CA GLU B 97 15.02 22.73 -16.49
C GLU B 97 16.19 21.94 -17.10
N PRO B 98 16.82 22.43 -18.19
CA PRO B 98 17.96 21.75 -18.79
C PRO B 98 19.03 21.32 -17.78
N GLY B 99 19.39 20.04 -17.87
CA GLY B 99 20.42 19.45 -17.03
C GLY B 99 19.88 18.79 -15.76
N THR B 100 18.59 19.04 -15.44
CA THR B 100 18.07 18.60 -14.15
C THR B 100 17.32 17.28 -14.29
N PHE B 101 17.80 16.25 -13.58
CA PHE B 101 17.23 14.90 -13.63
C PHE B 101 17.33 14.20 -12.28
N LYS B 102 17.38 15.00 -11.21
CA LYS B 102 17.53 14.47 -9.86
C LYS B 102 16.21 13.90 -9.33
N ASP B 103 15.10 14.58 -9.60
CA ASP B 103 13.81 14.25 -8.99
C ASP B 103 13.30 12.91 -9.54
N ARG B 104 13.54 12.67 -10.82
CA ARG B 104 12.94 11.51 -11.49
C ARG B 104 13.46 10.20 -10.90
N ILE B 105 14.71 10.19 -10.43
CA ILE B 105 15.25 8.92 -9.97
C ILE B 105 14.64 8.55 -8.62
N ILE B 106 14.21 9.55 -7.82
CA ILE B 106 13.44 9.25 -6.62
C ILE B 106 12.09 8.66 -7.04
N ILE B 107 11.39 9.37 -7.95
CA ILE B 107 10.06 8.99 -8.38
C ILE B 107 10.08 7.56 -8.94
N GLU B 108 11.03 7.26 -9.81
CA GLU B 108 10.98 6.07 -10.63
C GLU B 108 11.57 4.85 -9.91
N ARG B 109 12.38 5.08 -8.88
CA ARG B 109 13.10 4.00 -8.22
C ARG B 109 12.67 3.80 -6.77
N ASP B 110 12.27 4.86 -6.08
CA ASP B 110 11.89 4.76 -4.67
C ASP B 110 10.64 5.59 -4.42
N PRO B 111 9.53 5.33 -5.14
CA PRO B 111 8.35 6.20 -5.06
C PRO B 111 7.80 6.34 -3.64
N HIS B 112 7.93 5.27 -2.82
CA HIS B 112 7.41 5.26 -1.47
C HIS B 112 8.14 6.28 -0.58
N LEU B 113 9.41 6.57 -0.87
CA LEU B 113 10.10 7.60 -0.11
C LEU B 113 9.38 8.93 -0.28
N LEU B 114 8.99 9.21 -1.53
CA LEU B 114 8.28 10.45 -1.86
C LEU B 114 6.88 10.42 -1.24
N ILE B 115 6.17 9.31 -1.42
CA ILE B 115 4.82 9.17 -0.92
C ILE B 115 4.81 9.34 0.60
N GLU B 116 5.75 8.68 1.31
CA GLU B 116 5.82 8.78 2.76
C GLU B 116 6.03 10.24 3.15
N GLY B 117 6.93 10.92 2.44
CA GLY B 117 7.16 12.34 2.65
C GLY B 117 5.90 13.18 2.47
N ILE B 118 5.14 12.87 1.42
CA ILE B 118 3.92 13.62 1.12
C ILE B 118 2.91 13.45 2.25
N ILE B 119 2.77 12.22 2.77
CA ILE B 119 1.78 11.93 3.80
C ILE B 119 2.15 12.69 5.07
N ILE B 120 3.42 12.62 5.48
CA ILE B 120 3.87 13.31 6.68
C ILE B 120 3.64 14.82 6.53
N SER B 121 3.99 15.38 5.37
CA SER B 121 3.90 16.81 5.14
C SER B 121 2.46 17.28 5.16
N SER B 122 1.56 16.49 4.54
CA SER B 122 0.14 16.80 4.47
C SER B 122 -0.45 16.82 5.88
N TYR B 123 -0.10 15.81 6.67
CA TYR B 123 -0.53 15.75 8.06
C TYR B 123 -0.05 17.00 8.81
N ALA B 124 1.21 17.38 8.57
CA ALA B 124 1.80 18.53 9.25
C ALA B 124 0.98 19.81 9.00
N ILE B 125 0.49 20.02 7.77
CA ILE B 125 -0.19 21.26 7.45
C ILE B 125 -1.71 21.09 7.43
N GLY B 126 -2.20 19.90 7.81
CA GLY B 126 -3.62 19.66 7.91
C GLY B 126 -4.30 19.50 6.55
N ALA B 127 -3.54 19.12 5.52
CA ALA B 127 -4.10 18.88 4.20
C ALA B 127 -4.63 17.45 4.11
N ASN B 128 -5.87 17.31 3.66
CA ASN B 128 -6.50 16.02 3.44
C ASN B 128 -6.49 15.65 1.96
N GLU B 129 -6.02 16.58 1.13
CA GLU B 129 -5.95 16.36 -0.31
C GLU B 129 -4.58 16.83 -0.78
N ALA B 130 -3.84 15.92 -1.42
CA ALA B 130 -2.51 16.22 -1.92
C ALA B 130 -2.44 15.87 -3.40
N TYR B 131 -1.56 16.57 -4.12
CA TYR B 131 -1.34 16.30 -5.53
C TYR B 131 0.13 16.06 -5.80
N ILE B 132 0.39 15.17 -6.77
CA ILE B 132 1.66 15.19 -7.46
C ILE B 132 1.40 15.69 -8.89
N TYR B 133 2.06 16.79 -9.26
CA TYR B 133 2.03 17.26 -10.64
C TYR B 133 3.33 16.83 -11.30
N ILE B 134 3.25 15.82 -12.18
CA ILE B 134 4.43 15.28 -12.83
C ILE B 134 4.36 15.64 -14.31
N ARG B 135 5.50 16.05 -14.87
CA ARG B 135 5.58 16.48 -16.25
C ARG B 135 5.10 15.34 -17.16
N GLY B 136 4.50 15.72 -18.30
CA GLY B 136 3.95 14.79 -19.26
C GLY B 136 4.99 13.87 -19.88
N GLU B 137 6.25 14.32 -19.93
CA GLU B 137 7.35 13.59 -20.54
C GLU B 137 7.98 12.59 -19.57
N TYR B 138 7.40 12.42 -18.38
CA TYR B 138 7.76 11.36 -17.45
C TYR B 138 6.61 10.36 -17.34
N PRO B 139 6.22 9.67 -18.43
CA PRO B 139 5.11 8.72 -18.37
C PRO B 139 5.39 7.56 -17.43
N ALA B 140 6.63 7.07 -17.41
CA ALA B 140 6.98 5.93 -16.56
C ALA B 140 6.77 6.31 -15.11
N GLY B 141 7.29 7.48 -14.72
CA GLY B 141 7.14 7.99 -13.36
C GLY B 141 5.67 8.10 -12.95
N TYR B 142 4.82 8.49 -13.90
CA TYR B 142 3.39 8.61 -13.64
C TYR B 142 2.80 7.25 -13.30
N TYR B 143 3.06 6.24 -14.16
CA TYR B 143 2.50 4.92 -13.93
C TYR B 143 3.07 4.32 -12.64
N ILE B 144 4.36 4.57 -12.38
CA ILE B 144 5.02 4.03 -11.20
C ILE B 144 4.38 4.62 -9.95
N LEU B 145 4.09 5.93 -9.96
CA LEU B 145 3.48 6.61 -8.82
C LEU B 145 2.04 6.13 -8.58
N ARG B 146 1.26 5.96 -9.65
CA ARG B 146 -0.11 5.49 -9.53
C ARG B 146 -0.15 4.13 -8.82
N ASP B 147 0.73 3.23 -9.26
CA ASP B 147 0.82 1.88 -8.72
C ASP B 147 1.27 1.93 -7.25
N ALA B 148 2.29 2.75 -6.96
CA ALA B 148 2.81 2.91 -5.62
C ALA B 148 1.74 3.47 -4.69
N ILE B 149 0.93 4.42 -5.16
CA ILE B 149 -0.13 4.96 -4.34
C ILE B 149 -1.12 3.85 -4.00
N GLU B 150 -1.43 2.98 -4.96
CA GLU B 150 -2.33 1.86 -4.72
C GLU B 150 -1.75 0.91 -3.67
N GLU B 151 -0.45 0.57 -3.78
CA GLU B 151 0.23 -0.23 -2.75
C GLU B 151 0.05 0.40 -1.38
N ALA B 152 0.27 1.73 -1.28
CA ALA B 152 0.17 2.44 -0.03
C ALA B 152 -1.25 2.34 0.55
N LYS B 153 -2.26 2.43 -0.33
CA LYS B 153 -3.66 2.29 0.07
C LYS B 153 -3.88 0.89 0.65
N LYS B 154 -3.42 -0.13 -0.08
CA LYS B 154 -3.55 -1.51 0.35
C LYS B 154 -3.01 -1.72 1.77
N LYS B 155 -1.90 -1.04 2.10
CA LYS B 155 -1.24 -1.20 3.39
C LYS B 155 -1.76 -0.21 4.43
N GLY B 156 -2.75 0.62 4.06
CA GLY B 156 -3.44 1.49 5.00
C GLY B 156 -2.65 2.75 5.37
N PHE B 157 -1.79 3.21 4.46
CA PHE B 157 -1.03 4.43 4.69
C PHE B 157 -1.74 5.62 4.04
N LEU B 158 -2.77 5.34 3.24
CA LEU B 158 -3.60 6.36 2.61
C LEU B 158 -5.06 5.95 2.76
N GLY B 159 -5.95 6.93 2.57
CA GLY B 159 -7.37 6.76 2.78
C GLY B 159 -7.84 7.47 4.04
N LYS B 160 -8.97 7.03 4.58
CA LYS B 160 -9.55 7.63 5.78
C LYS B 160 -8.92 7.03 7.02
N ASN B 161 -8.81 7.85 8.07
CA ASN B 161 -8.44 7.36 9.38
C ASN B 161 -7.19 6.48 9.28
N ILE B 162 -6.11 7.08 8.77
CA ILE B 162 -4.87 6.36 8.50
C ILE B 162 -4.29 5.86 9.81
N LEU B 163 -4.21 4.53 9.94
CA LEU B 163 -3.61 3.87 11.11
C LEU B 163 -4.28 4.33 12.39
N GLY B 164 -5.60 4.57 12.33
CA GLY B 164 -6.38 4.93 13.51
C GLY B 164 -6.08 6.34 14.02
N SER B 165 -5.42 7.17 13.20
CA SER B 165 -4.97 8.49 13.62
C SER B 165 -6.11 9.49 13.55
N GLY B 166 -7.13 9.19 12.74
CA GLY B 166 -8.16 10.17 12.40
C GLY B 166 -7.76 11.03 11.20
N PHE B 167 -6.53 10.87 10.69
CA PHE B 167 -6.07 11.67 9.57
C PHE B 167 -6.48 11.01 8.24
N ASP B 168 -7.11 11.82 7.37
CA ASP B 168 -7.56 11.37 6.06
C ASP B 168 -6.68 11.98 4.98
N LEU B 169 -6.24 11.17 4.00
CA LEU B 169 -5.52 11.70 2.86
C LEU B 169 -5.77 10.89 1.60
N GLU B 170 -5.98 11.62 0.49
CA GLU B 170 -5.89 11.09 -0.85
C GLU B 170 -4.81 11.87 -1.63
N ILE B 171 -4.00 11.15 -2.40
CA ILE B 171 -3.01 11.74 -3.29
C ILE B 171 -3.47 11.52 -4.73
N TYR B 172 -3.63 12.62 -5.47
CA TYR B 172 -3.99 12.60 -6.88
C TYR B 172 -2.74 12.88 -7.71
N VAL B 173 -2.56 12.13 -8.80
CA VAL B 173 -1.43 12.35 -9.71
C VAL B 173 -1.95 13.01 -10.99
N ALA B 174 -1.46 14.22 -11.25
CA ALA B 174 -1.80 14.95 -12.47
C ALA B 174 -0.59 14.98 -13.39
N ARG B 175 -0.83 15.09 -14.70
CA ARG B 175 0.25 15.10 -15.67
C ARG B 175 0.27 16.45 -16.38
N GLY B 176 1.48 17.00 -16.50
CA GLY B 176 1.76 18.12 -17.39
C GLY B 176 1.60 17.71 -18.86
N ALA B 177 1.82 18.67 -19.76
CA ALA B 177 1.67 18.37 -21.17
C ALA B 177 2.57 19.27 -22.03
N GLY B 178 3.75 19.61 -21.52
CA GLY B 178 4.83 20.16 -22.35
C GLY B 178 5.34 21.54 -21.97
N ALA B 179 4.84 22.13 -20.87
CA ALA B 179 5.17 23.51 -20.55
C ALA B 179 6.09 23.57 -19.34
N TYR B 180 7.33 24.03 -19.56
CA TYR B 180 8.30 24.24 -18.48
C TYR B 180 7.73 25.17 -17.41
N ILE B 181 6.91 26.14 -17.83
CA ILE B 181 6.41 27.16 -16.93
C ILE B 181 5.49 26.54 -15.87
N CYS B 182 4.97 25.34 -16.12
CA CYS B 182 4.08 24.69 -15.17
C CYS B 182 4.84 24.16 -13.95
N GLY B 183 6.17 24.30 -13.95
CA GLY B 183 6.97 24.07 -12.76
C GLY B 183 7.01 25.27 -11.81
N GLU B 184 6.71 26.46 -12.33
CA GLU B 184 6.50 27.63 -11.49
C GLU B 184 5.23 27.38 -10.70
N GLU B 185 5.26 27.63 -9.38
CA GLU B 185 4.29 27.04 -8.47
C GLU B 185 2.87 27.52 -8.77
N THR B 186 2.71 28.78 -9.22
CA THR B 186 1.39 29.34 -9.46
C THR B 186 0.85 28.88 -10.82
N ALA B 187 1.72 28.74 -11.84
CA ALA B 187 1.30 28.15 -13.10
C ALA B 187 0.91 26.68 -12.90
N LEU B 188 1.62 25.99 -12.00
CA LEU B 188 1.31 24.60 -11.68
C LEU B 188 -0.12 24.51 -11.16
N ILE B 189 -0.44 25.34 -10.17
CA ILE B 189 -1.78 25.40 -9.58
C ILE B 189 -2.82 25.70 -10.67
N GLU B 190 -2.57 26.69 -11.55
CA GLU B 190 -3.50 26.97 -12.63
C GLU B 190 -3.75 25.72 -13.48
N SER B 191 -2.70 24.92 -13.72
CA SER B 191 -2.81 23.72 -14.53
C SER B 191 -3.67 22.67 -13.81
N LEU B 192 -3.45 22.53 -12.50
CA LEU B 192 -4.24 21.63 -11.66
C LEU B 192 -5.71 22.02 -11.67
N GLU B 193 -6.01 23.31 -11.88
CA GLU B 193 -7.36 23.80 -11.93
C GLU B 193 -7.93 23.65 -13.35
N GLY B 194 -7.14 23.08 -14.27
CA GLY B 194 -7.64 22.72 -15.59
C GLY B 194 -7.47 23.83 -16.62
N LYS B 195 -6.53 24.74 -16.37
CA LYS B 195 -6.33 25.88 -17.25
C LYS B 195 -4.93 25.86 -17.84
N ARG B 196 -4.65 26.86 -18.69
CA ARG B 196 -3.32 27.14 -19.20
C ARG B 196 -2.41 27.47 -18.02
N GLY B 197 -1.11 27.17 -18.18
CA GLY B 197 -0.11 27.43 -17.16
C GLY B 197 0.38 28.87 -17.17
N HIS B 198 -0.45 29.78 -16.65
CA HIS B 198 -0.11 31.19 -16.57
C HIS B 198 0.18 31.53 -15.11
N PRO B 199 1.44 31.87 -14.76
CA PRO B 199 1.76 32.30 -13.39
C PRO B 199 0.87 33.44 -12.92
N ARG B 200 0.64 33.46 -11.60
CA ARG B 200 -0.13 34.51 -10.94
C ARG B 200 0.85 35.50 -10.31
N LEU B 201 0.40 36.75 -10.17
CA LEU B 201 1.12 37.74 -9.40
C LEU B 201 1.26 37.27 -7.96
N LYS B 202 2.50 37.28 -7.45
CA LYS B 202 2.80 37.00 -6.05
C LYS B 202 3.43 38.24 -5.42
N PRO B 203 3.09 38.64 -4.16
CA PRO B 203 2.07 37.97 -3.35
C PRO B 203 0.66 38.17 -3.93
N PRO B 204 -0.36 37.40 -3.48
CA PRO B 204 -0.21 36.38 -2.43
C PRO B 204 0.60 35.16 -2.88
N TYR B 205 1.31 34.56 -1.93
CA TYR B 205 1.99 33.30 -2.15
C TYR B 205 0.98 32.17 -1.97
N PRO B 206 1.23 30.97 -2.55
CA PRO B 206 0.29 29.86 -2.46
C PRO B 206 -0.16 29.55 -1.04
N VAL B 207 0.75 29.72 -0.06
CA VAL B 207 0.46 29.38 1.33
C VAL B 207 -0.67 30.25 1.88
N GLN B 208 -0.90 31.41 1.26
CA GLN B 208 -2.05 32.25 1.59
C GLN B 208 -3.20 31.98 0.62
N LYS B 209 -2.93 31.96 -0.69
CA LYS B 209 -3.94 31.72 -1.70
C LYS B 209 -3.37 30.88 -2.84
N GLY B 210 -3.81 29.62 -2.93
CA GLY B 210 -3.29 28.69 -3.92
C GLY B 210 -4.42 28.00 -4.70
N LEU B 211 -4.45 26.66 -4.61
CA LEU B 211 -5.43 25.84 -5.30
C LEU B 211 -6.82 26.17 -4.75
N TRP B 212 -7.73 26.54 -5.67
CA TRP B 212 -9.07 27.02 -5.34
C TRP B 212 -9.02 28.17 -4.33
N GLY B 213 -7.94 28.96 -4.35
CA GLY B 213 -7.79 30.11 -3.47
C GLY B 213 -7.51 29.74 -2.01
N LYS B 214 -7.23 28.46 -1.73
CA LYS B 214 -7.04 28.01 -0.36
C LYS B 214 -5.56 27.92 -0.03
N PRO B 215 -5.16 27.96 1.27
CA PRO B 215 -3.77 27.79 1.64
C PRO B 215 -3.20 26.52 1.01
N THR B 216 -2.08 26.69 0.31
CA THR B 216 -1.47 25.62 -0.47
C THR B 216 0.04 25.67 -0.28
N VAL B 217 0.62 24.53 0.11
CA VAL B 217 2.06 24.35 0.14
C VAL B 217 2.47 23.62 -1.13
N VAL B 218 3.39 24.25 -1.89
CA VAL B 218 4.05 23.58 -2.99
C VAL B 218 5.49 23.29 -2.56
N ASN B 219 5.89 22.02 -2.68
CA ASN B 219 7.25 21.60 -2.38
C ASN B 219 7.76 20.69 -3.49
N ASN B 220 9.07 20.80 -3.75
CA ASN B 220 9.77 19.99 -4.73
C ASN B 220 9.87 18.56 -4.22
N VAL B 221 9.91 17.59 -5.16
CA VAL B 221 10.12 16.17 -4.89
C VAL B 221 11.24 15.95 -3.88
N GLU B 222 12.44 16.46 -4.18
CA GLU B 222 13.61 16.20 -3.35
C GLU B 222 13.42 16.75 -1.94
N THR B 223 12.83 17.95 -1.82
CA THR B 223 12.49 18.52 -0.52
C THR B 223 11.68 17.52 0.31
N ILE B 224 10.62 16.98 -0.30
CA ILE B 224 9.65 16.14 0.37
C ILE B 224 10.31 14.83 0.81
N ALA B 225 11.23 14.31 -0.02
CA ALA B 225 11.91 13.05 0.24
C ALA B 225 12.83 13.12 1.47
N ASN B 226 13.15 14.34 1.93
CA ASN B 226 13.94 14.52 3.14
C ASN B 226 13.12 14.32 4.41
N VAL B 227 11.80 14.53 4.31
CA VAL B 227 10.94 14.64 5.48
C VAL B 227 10.94 13.33 6.27
N PRO B 228 10.83 12.13 5.65
CA PRO B 228 10.89 10.87 6.42
C PRO B 228 12.15 10.71 7.27
N PHE B 229 13.27 11.25 6.79
CA PHE B 229 14.55 11.18 7.48
C PHE B 229 14.54 12.07 8.71
N ILE B 230 13.97 13.28 8.58
CA ILE B 230 13.92 14.23 9.69
C ILE B 230 13.15 13.62 10.85
N ILE B 231 12.01 12.97 10.56
CA ILE B 231 11.19 12.37 11.59
C ILE B 231 11.90 11.15 12.17
N SER B 232 12.51 10.34 11.29
CA SER B 232 13.12 9.08 11.69
C SER B 232 14.35 9.29 12.56
N MET B 233 15.23 10.21 12.15
CA MET B 233 16.49 10.47 12.84
C MET B 233 16.29 11.47 13.97
N GLY B 234 15.22 12.27 13.88
CA GLY B 234 15.12 13.50 14.65
C GLY B 234 15.86 14.65 13.97
N TRP B 235 15.44 15.88 14.23
CA TRP B 235 15.97 17.05 13.54
C TRP B 235 17.44 17.29 13.89
N GLU B 236 17.83 16.96 15.13
CA GLU B 236 19.18 17.25 15.60
C GLU B 236 20.19 16.33 14.89
N GLU B 237 19.84 15.06 14.76
CA GLU B 237 20.69 14.10 14.06
C GLU B 237 20.76 14.45 12.57
N TYR B 238 19.64 14.90 12.00
CA TYR B 238 19.61 15.31 10.60
C TYR B 238 20.57 16.47 10.38
N ARG B 239 20.59 17.43 11.32
CA ARG B 239 21.41 18.62 11.18
C ARG B 239 22.90 18.30 11.31
N TYR B 240 23.25 17.11 11.82
CA TYR B 240 24.64 16.67 11.86
C TYR B 240 25.16 16.36 10.46
N ILE B 241 24.26 16.11 9.50
CA ILE B 241 24.67 15.77 8.14
C ILE B 241 25.14 17.02 7.42
N GLY B 242 26.41 17.03 7.02
CA GLY B 242 26.98 18.15 6.28
C GLY B 242 27.18 19.38 7.18
N PRO B 243 27.33 20.59 6.60
CA PRO B 243 27.58 21.81 7.38
C PRO B 243 26.31 22.24 8.10
N SER B 244 26.46 22.74 9.33
CA SER B 244 25.33 22.97 10.21
C SER B 244 24.43 24.10 9.72
N ASP B 245 24.91 24.92 8.77
CA ASP B 245 24.11 26.01 8.25
C ASP B 245 23.38 25.58 6.98
N TYR B 246 23.80 24.49 6.34
CA TYR B 246 23.15 24.00 5.13
C TYR B 246 23.12 22.47 5.17
N ALA B 247 22.32 21.95 6.10
CA ALA B 247 22.43 20.57 6.51
C ALA B 247 21.61 19.66 5.60
N GLY B 248 21.94 18.37 5.69
CA GLY B 248 21.17 17.33 5.03
C GLY B 248 21.81 16.86 3.74
N PRO B 249 21.31 15.73 3.19
CA PRO B 249 21.76 15.25 1.88
C PRO B 249 21.26 16.17 0.77
N LYS B 250 21.99 16.20 -0.33
CA LYS B 250 21.60 16.92 -1.52
C LYS B 250 21.93 16.08 -2.75
N LEU B 251 21.01 16.06 -3.71
CA LEU B 251 21.23 15.38 -4.99
C LEU B 251 21.82 16.36 -6.00
N PHE B 252 22.86 15.92 -6.70
CA PHE B 252 23.50 16.71 -7.73
C PHE B 252 23.43 15.99 -9.06
N PRO B 253 22.58 16.43 -10.02
CA PRO B 253 22.58 15.87 -11.37
C PRO B 253 23.70 16.48 -12.20
N VAL B 254 24.69 15.64 -12.55
CA VAL B 254 25.89 16.06 -13.27
C VAL B 254 25.83 15.51 -14.69
N SER B 255 25.99 16.41 -15.67
CA SER B 255 25.95 16.02 -17.08
C SER B 255 27.01 16.77 -17.88
N GLY B 256 27.08 16.47 -19.19
CA GLY B 256 28.05 17.09 -20.07
C GLY B 256 29.35 16.30 -20.11
N LYS B 257 30.48 17.02 -20.07
CA LYS B 257 31.78 16.45 -20.41
C LYS B 257 32.48 15.89 -19.17
N VAL B 258 31.80 14.97 -18.46
CA VAL B 258 32.40 14.24 -17.35
C VAL B 258 32.43 12.75 -17.70
N LYS B 259 33.30 12.00 -17.01
CA LYS B 259 33.45 10.58 -17.26
C LYS B 259 32.27 9.81 -16.69
N LYS B 260 31.74 10.24 -15.53
CA LYS B 260 30.66 9.52 -14.88
C LYS B 260 29.44 10.43 -14.69
N PRO B 261 28.73 10.80 -15.77
CA PRO B 261 27.52 11.61 -15.63
C PRO B 261 26.46 10.81 -14.88
N GLY B 262 25.72 11.50 -14.01
CA GLY B 262 24.68 10.87 -13.21
C GLY B 262 24.34 11.74 -12.00
N VAL B 263 23.59 11.14 -11.04
CA VAL B 263 23.14 11.85 -9.86
C VAL B 263 23.99 11.42 -8.67
N TYR B 264 24.46 12.40 -7.89
CA TYR B 264 25.32 12.17 -6.74
C TYR B 264 24.65 12.71 -5.49
N GLU B 265 24.50 11.86 -4.48
CA GLU B 265 24.01 12.28 -3.19
C GLU B 265 25.20 12.60 -2.30
N LEU B 266 25.34 13.88 -1.92
CA LEU B 266 26.53 14.39 -1.25
C LEU B 266 26.11 15.47 -0.26
N PRO B 267 26.92 15.78 0.77
CA PRO B 267 26.66 16.93 1.63
C PRO B 267 26.98 18.22 0.89
N MET B 268 26.46 19.34 1.40
CA MET B 268 26.46 20.58 0.64
C MET B 268 27.74 21.38 0.92
N ASN B 269 28.63 20.86 1.76
CA ASN B 269 29.96 21.44 1.89
C ASN B 269 30.90 20.92 0.81
N THR B 270 30.45 19.94 0.01
CA THR B 270 31.19 19.51 -1.17
C THR B 270 31.41 20.70 -2.08
N THR B 271 32.62 20.83 -2.66
CA THR B 271 32.88 21.90 -3.61
C THR B 271 32.53 21.44 -5.03
N LEU B 272 32.39 22.42 -5.93
CA LEU B 272 32.07 22.15 -7.33
C LEU B 272 33.18 21.33 -7.97
N ARG B 273 34.44 21.66 -7.64
CA ARG B 273 35.60 20.91 -8.14
C ARG B 273 35.51 19.45 -7.71
N GLU B 274 35.16 19.20 -6.44
CA GLU B 274 35.04 17.83 -5.94
C GLU B 274 33.95 17.08 -6.69
N VAL B 275 32.82 17.74 -6.94
CA VAL B 275 31.72 17.10 -7.66
C VAL B 275 32.22 16.57 -9.00
N ILE B 276 32.95 17.41 -9.75
CA ILE B 276 33.42 17.07 -11.09
C ILE B 276 34.54 16.03 -11.03
N PHE B 277 35.55 16.25 -10.17
CA PHE B 277 36.80 15.53 -10.25
C PHE B 277 36.88 14.39 -9.24
N LYS B 278 36.31 14.57 -8.05
CA LYS B 278 36.41 13.55 -7.03
C LYS B 278 35.29 12.51 -7.22
N TYR B 279 34.09 12.95 -7.64
CA TYR B 279 32.95 12.06 -7.70
C TYR B 279 32.62 11.69 -9.15
N ALA B 280 32.52 12.66 -10.07
CA ALA B 280 32.05 12.39 -11.42
C ALA B 280 33.17 11.94 -12.35
N GLY B 281 34.38 11.74 -11.81
CA GLY B 281 35.45 11.03 -12.50
C GLY B 281 36.33 11.94 -13.36
N GLY B 282 36.18 13.26 -13.21
CA GLY B 282 36.90 14.21 -14.02
C GLY B 282 36.25 14.38 -15.39
N THR B 283 36.96 15.04 -16.31
CA THR B 283 36.39 15.41 -17.60
C THR B 283 36.67 14.32 -18.64
N LEU B 284 35.80 14.23 -19.65
CA LEU B 284 36.06 13.42 -20.83
C LEU B 284 37.37 13.88 -21.47
N GLY B 285 38.29 12.92 -21.68
CA GLY B 285 39.55 13.19 -22.35
C GLY B 285 40.52 14.01 -21.50
N ASN B 286 40.21 14.17 -20.21
CA ASN B 286 41.00 14.98 -19.29
C ASN B 286 41.20 16.38 -19.86
N LYS B 287 40.20 16.88 -20.59
CA LYS B 287 40.23 18.23 -21.12
C LYS B 287 39.94 19.21 -19.98
N LYS B 288 40.44 20.44 -20.11
CA LYS B 288 40.22 21.48 -19.12
C LYS B 288 38.73 21.84 -19.06
N VAL B 289 38.26 22.15 -17.85
CA VAL B 289 36.94 22.71 -17.66
C VAL B 289 36.94 24.15 -18.18
N LYS B 290 35.97 24.49 -19.02
CA LYS B 290 35.80 25.86 -19.47
C LYS B 290 34.75 26.55 -18.60
N ALA B 291 33.59 25.90 -18.45
CA ALA B 291 32.48 26.48 -17.72
C ALA B 291 31.57 25.39 -17.16
N VAL B 292 30.85 25.74 -16.10
CA VAL B 292 29.74 24.94 -15.61
C VAL B 292 28.48 25.78 -15.71
N PHE B 293 27.47 25.26 -16.42
CA PHE B 293 26.13 25.81 -16.38
C PHE B 293 25.37 25.17 -15.23
N SER B 294 24.92 26.02 -14.30
CA SER B 294 23.94 25.65 -13.29
C SER B 294 22.58 25.65 -13.96
N GLY B 295 22.23 24.51 -14.55
CA GLY B 295 21.06 24.41 -15.41
C GLY B 295 21.04 25.53 -16.45
N ALA B 296 19.91 26.25 -16.54
CA ALA B 296 19.79 27.41 -17.39
C ALA B 296 19.78 28.70 -16.56
N LEU B 297 20.41 28.66 -15.38
CA LEU B 297 20.33 29.76 -14.42
C LEU B 297 21.65 30.55 -14.35
N ASP B 298 22.78 29.88 -14.14
CA ASP B 298 24.05 30.55 -13.93
C ASP B 298 25.16 29.91 -14.78
N CYS B 299 26.25 30.66 -15.00
CA CYS B 299 27.44 30.18 -15.68
C CYS B 299 28.67 30.48 -14.83
N PHE B 300 29.33 29.43 -14.35
CA PHE B 300 30.54 29.55 -13.55
C PHE B 300 31.73 29.22 -14.44
N SER B 301 32.80 30.02 -14.29
CA SER B 301 34.03 29.81 -15.04
C SER B 301 34.91 28.80 -14.30
N SER B 302 36.05 28.45 -14.92
CA SER B 302 37.03 27.55 -14.35
C SER B 302 37.72 28.17 -13.15
N GLU B 303 37.56 29.49 -12.96
CA GLU B 303 38.11 30.19 -11.81
C GLU B 303 37.16 30.12 -10.61
N GLU B 304 35.97 29.51 -10.79
CA GLU B 304 34.95 29.50 -9.75
C GLU B 304 34.61 28.08 -9.29
N LEU B 305 35.56 27.13 -9.34
CA LEU B 305 35.25 25.73 -9.06
C LEU B 305 35.35 25.41 -7.57
N ASP B 306 35.97 26.30 -6.77
CA ASP B 306 36.19 25.99 -5.37
C ASP B 306 35.04 26.50 -4.50
N ILE B 307 33.89 26.80 -5.10
CA ILE B 307 32.73 27.25 -4.34
C ILE B 307 32.00 26.05 -3.76
N PRO B 308 31.38 26.20 -2.56
CA PRO B 308 30.59 25.11 -1.96
C PRO B 308 29.24 24.94 -2.65
N MET B 309 28.73 23.70 -2.64
CA MET B 309 27.48 23.36 -3.33
C MET B 309 26.31 23.56 -2.36
N ASP B 310 26.21 24.76 -1.81
CA ASP B 310 25.23 25.06 -0.78
C ASP B 310 24.38 26.25 -1.24
N TYR B 311 23.56 26.78 -0.32
CA TYR B 311 22.64 27.85 -0.67
C TYR B 311 23.15 29.19 -0.12
N SER B 312 24.48 29.33 -0.01
CA SER B 312 25.08 30.54 0.52
C SER B 312 25.21 31.58 -0.59
N PRO B 313 25.37 32.87 -0.27
CA PRO B 313 25.59 33.91 -1.30
C PRO B 313 26.68 33.55 -2.30
N LEU B 314 27.80 32.99 -1.82
CA LEU B 314 28.94 32.68 -2.68
C LEU B 314 28.90 31.22 -3.14
N GLY B 315 27.84 30.50 -2.81
CA GLY B 315 27.73 29.08 -3.13
C GLY B 315 27.14 28.85 -4.52
N PHE B 316 26.98 27.57 -4.88
CA PHE B 316 26.52 27.21 -6.22
C PHE B 316 25.03 27.54 -6.35
N GLY B 317 24.24 27.15 -5.35
CA GLY B 317 22.82 27.47 -5.31
C GLY B 317 22.02 26.65 -6.33
N GLY B 318 20.89 27.23 -6.75
CA GLY B 318 19.97 26.59 -7.66
C GLY B 318 19.51 25.22 -7.16
N THR B 319 19.50 24.24 -8.06
CA THR B 319 19.09 22.87 -7.76
C THR B 319 20.31 21.95 -7.67
N GLY B 320 21.51 22.53 -7.68
CA GLY B 320 22.75 21.77 -7.76
C GLY B 320 22.96 21.09 -9.11
N THR B 321 22.38 21.66 -10.18
CA THR B 321 22.51 21.09 -11.51
C THR B 321 23.84 21.51 -12.15
N VAL B 322 24.66 20.52 -12.52
CA VAL B 322 26.04 20.73 -12.97
C VAL B 322 26.19 20.20 -14.39
N ILE B 323 26.18 21.12 -15.36
CA ILE B 323 26.52 20.84 -16.75
C ILE B 323 27.94 21.34 -17.01
N VAL B 324 28.84 20.41 -17.38
CA VAL B 324 30.25 20.70 -17.56
C VAL B 324 30.52 20.90 -19.06
N LEU B 325 31.09 22.07 -19.40
CA LEU B 325 31.65 22.34 -20.72
C LEU B 325 33.18 22.36 -20.60
N THR B 326 33.86 21.78 -21.60
CA THR B 326 35.31 21.76 -21.60
C THR B 326 35.83 22.71 -22.68
N GLU B 327 37.16 22.77 -22.80
CA GLU B 327 37.87 23.83 -23.49
C GLU B 327 37.48 23.94 -24.97
N GLU B 328 36.97 22.88 -25.60
CA GLU B 328 36.63 22.94 -27.01
C GLU B 328 35.16 23.30 -27.25
N ASP B 329 34.37 23.47 -26.18
CA ASP B 329 32.96 23.79 -26.32
C ASP B 329 32.79 25.29 -26.53
N ASP B 330 32.11 25.66 -27.62
CA ASP B 330 31.84 27.04 -28.00
C ASP B 330 30.78 27.64 -27.07
N ILE B 331 31.14 28.67 -26.30
CA ILE B 331 30.26 29.24 -25.29
C ILE B 331 29.07 29.93 -25.95
N VAL B 332 29.27 30.50 -27.15
CA VAL B 332 28.22 31.23 -27.84
C VAL B 332 27.19 30.26 -28.37
N GLU B 333 27.65 29.11 -28.88
CA GLU B 333 26.75 28.05 -29.32
C GLU B 333 25.92 27.56 -28.14
N ALA B 334 26.56 27.47 -26.96
CA ALA B 334 25.92 26.98 -25.75
C ALA B 334 24.89 27.99 -25.26
N ALA B 335 25.25 29.29 -25.30
CA ALA B 335 24.34 30.37 -24.94
C ALA B 335 23.11 30.35 -25.86
N LEU B 336 23.33 30.09 -27.16
CA LEU B 336 22.23 29.98 -28.10
C LEU B 336 21.21 28.94 -27.61
N LYS B 337 21.69 27.78 -27.12
CA LYS B 337 20.78 26.72 -26.71
C LYS B 337 19.98 27.16 -25.49
N ILE B 338 20.62 27.92 -24.59
CA ILE B 338 19.94 28.45 -23.41
C ILE B 338 18.87 29.45 -23.87
N ALA B 339 19.23 30.33 -24.80
CA ALA B 339 18.30 31.30 -25.36
C ALA B 339 17.09 30.59 -25.99
N GLU B 340 17.36 29.52 -26.74
CA GLU B 340 16.31 28.77 -27.40
C GLU B 340 15.33 28.22 -26.37
N PHE B 341 15.85 27.71 -25.25
CA PHE B 341 15.02 27.20 -24.18
C PHE B 341 14.01 28.25 -23.71
N TYR B 342 14.50 29.43 -23.33
CA TYR B 342 13.61 30.48 -22.80
C TYR B 342 12.64 30.96 -23.87
N GLU B 343 13.08 31.07 -25.13
CA GLU B 343 12.20 31.40 -26.24
C GLU B 343 11.01 30.42 -26.29
N HIS B 344 11.30 29.13 -26.11
N HIS B 344 11.29 29.13 -26.10
CA HIS B 344 10.29 28.10 -26.29
CA HIS B 344 10.30 28.09 -26.27
C HIS B 344 9.37 27.99 -25.06
C HIS B 344 9.33 28.05 -25.07
N GLU B 345 9.75 28.57 -23.91
CA GLU B 345 9.02 28.34 -22.66
C GLU B 345 8.33 29.57 -22.07
N THR B 346 8.60 30.79 -22.55
CA THR B 346 7.87 31.95 -22.05
C THR B 346 6.37 31.72 -22.26
N CYS B 347 5.55 32.04 -21.24
CA CYS B 347 4.12 31.85 -21.35
C CYS B 347 3.46 33.02 -22.09
N GLY B 348 4.14 34.17 -22.14
CA GLY B 348 3.77 35.26 -23.03
C GLY B 348 2.88 36.33 -22.40
N GLN B 349 2.52 36.17 -21.11
CA GLN B 349 1.64 37.11 -20.43
C GLN B 349 2.28 38.49 -20.34
N CYS B 350 3.60 38.52 -20.12
CA CYS B 350 4.32 39.77 -19.93
C CYS B 350 5.06 40.13 -21.21
N THR B 351 4.97 41.40 -21.62
CA THR B 351 5.43 41.83 -22.93
C THR B 351 6.96 41.74 -23.02
N PRO B 352 7.75 42.35 -22.10
CA PRO B 352 9.21 42.22 -22.18
C PRO B 352 9.71 40.78 -22.13
N CYS B 353 9.03 39.91 -21.37
CA CYS B 353 9.38 38.50 -21.38
C CYS B 353 8.99 37.86 -22.72
N ARG B 354 7.79 38.17 -23.22
CA ARG B 354 7.28 37.55 -24.44
C ARG B 354 8.21 37.86 -25.61
N VAL B 355 8.47 39.15 -25.83
CA VAL B 355 9.21 39.59 -27.00
C VAL B 355 10.70 39.43 -26.76
N GLY B 356 11.14 39.62 -25.51
CA GLY B 356 12.56 39.53 -25.16
C GLY B 356 13.10 38.10 -25.29
N CYS B 357 12.36 37.12 -24.78
CA CYS B 357 12.80 35.73 -24.91
C CYS B 357 12.91 35.36 -26.39
N TYR B 358 11.95 35.83 -27.21
CA TYR B 358 11.95 35.51 -28.64
C TYR B 358 13.12 36.20 -29.33
N GLU B 359 13.31 37.51 -29.05
CA GLU B 359 14.31 38.30 -29.77
C GLU B 359 15.72 37.89 -29.35
N GLN B 360 15.91 37.57 -28.07
CA GLN B 360 17.21 37.11 -27.58
C GLN B 360 17.66 35.90 -28.41
N ALA B 361 16.76 34.92 -28.58
CA ALA B 361 17.04 33.73 -29.37
C ALA B 361 17.22 34.07 -30.86
N ASN B 362 16.32 34.91 -31.39
CA ASN B 362 16.31 35.26 -32.80
C ASN B 362 17.62 35.95 -33.18
N LEU B 363 18.04 36.94 -32.39
CA LEU B 363 19.24 37.71 -32.69
C LEU B 363 20.49 36.87 -32.41
N LEU B 364 20.46 36.06 -31.35
CA LEU B 364 21.65 35.26 -31.03
C LEU B 364 21.90 34.20 -32.10
N GLU B 365 20.84 33.69 -32.74
CA GLU B 365 20.99 32.78 -33.87
C GLU B 365 21.70 33.49 -35.03
N LYS B 366 21.33 34.75 -35.27
CA LYS B 366 21.93 35.53 -36.35
C LYS B 366 23.41 35.74 -36.05
N ILE B 367 23.74 36.05 -34.79
CA ILE B 367 25.12 36.25 -34.37
C ILE B 367 25.90 34.95 -34.61
N TYR B 368 25.34 33.84 -34.14
CA TYR B 368 26.03 32.56 -34.21
C TYR B 368 26.27 32.18 -35.68
N LYS B 369 25.32 32.49 -36.56
CA LYS B 369 25.41 32.11 -37.96
C LYS B 369 26.22 33.13 -38.76
N GLY B 370 26.70 34.20 -38.12
CA GLY B 370 27.46 35.24 -38.78
C GLY B 370 26.62 36.14 -39.68
N GLU B 371 25.30 36.21 -39.45
CA GLU B 371 24.41 36.99 -40.29
C GLU B 371 23.91 38.24 -39.55
N ALA B 372 24.49 38.54 -38.39
CA ALA B 372 24.04 39.66 -37.57
C ALA B 372 24.62 40.96 -38.11
N THR B 373 23.75 41.97 -38.27
CA THR B 373 24.19 43.34 -38.52
C THR B 373 24.71 43.95 -37.21
N GLU B 374 25.33 45.12 -37.32
CA GLU B 374 25.75 45.90 -36.17
C GLU B 374 24.55 46.18 -35.26
N GLN B 375 23.40 46.49 -35.87
CA GLN B 375 22.19 46.80 -35.10
C GLN B 375 21.67 45.55 -34.40
N ASP B 376 21.82 44.37 -35.03
CA ASP B 376 21.41 43.12 -34.42
C ASP B 376 22.24 42.86 -33.16
N TRP B 377 23.54 43.17 -33.22
CA TRP B 377 24.43 43.03 -32.08
C TRP B 377 23.99 43.92 -30.93
N GLU B 378 23.83 45.22 -31.21
CA GLU B 378 23.45 46.18 -30.19
C GLU B 378 22.06 45.85 -29.64
N GLY B 379 21.17 45.35 -30.52
CA GLY B 379 19.81 44.98 -30.13
C GLY B 379 19.80 43.77 -29.21
N PHE B 380 20.67 42.80 -29.50
CA PHE B 380 20.80 41.60 -28.69
C PHE B 380 21.22 41.97 -27.26
N ASP B 381 22.23 42.83 -27.17
CA ASP B 381 22.72 43.32 -25.89
C ASP B 381 21.58 43.97 -25.09
N PHE B 382 20.82 44.85 -25.75
CA PHE B 382 19.75 45.58 -25.11
C PHE B 382 18.64 44.62 -24.65
N VAL B 383 18.25 43.70 -25.55
CA VAL B 383 17.17 42.76 -25.28
C VAL B 383 17.55 41.89 -24.09
N ASN B 384 18.80 41.42 -24.05
CA ASN B 384 19.28 40.57 -22.97
C ASN B 384 19.12 41.29 -21.62
N ARG B 385 19.27 42.61 -21.60
CA ARG B 385 19.21 43.38 -20.37
C ARG B 385 17.77 43.76 -20.01
N ASN B 386 16.78 43.43 -20.86
CA ASN B 386 15.46 44.03 -20.74
C ASN B 386 14.35 42.98 -20.94
N ILE B 387 14.59 41.76 -20.45
CA ILE B 387 13.57 40.72 -20.42
C ILE B 387 12.77 40.83 -19.12
N GLN B 388 13.44 41.24 -18.04
CA GLN B 388 12.91 41.20 -16.69
C GLN B 388 11.80 42.23 -16.47
N PRO B 389 11.89 43.50 -16.97
CA PRO B 389 10.89 44.51 -16.61
C PRO B 389 9.44 44.05 -16.74
N THR B 390 8.68 44.31 -15.67
CA THR B 390 7.25 44.03 -15.52
C THR B 390 6.94 42.54 -15.36
N SER B 391 7.95 41.66 -15.35
CA SER B 391 7.71 40.22 -15.28
C SER B 391 7.02 39.86 -13.98
N ILE B 392 6.07 38.92 -14.03
CA ILE B 392 5.36 38.52 -12.82
C ILE B 392 5.85 37.16 -12.30
N CYS B 393 6.85 36.55 -12.94
CA CYS B 393 7.44 35.31 -12.41
C CYS B 393 8.92 35.26 -12.73
N GLY B 394 9.59 34.26 -12.14
CA GLY B 394 11.04 34.16 -12.14
C GLY B 394 11.63 33.87 -13.51
N LEU B 395 10.83 33.35 -14.46
CA LEU B 395 11.35 33.05 -15.79
C LEU B 395 11.84 34.35 -16.43
N GLY B 396 10.98 35.37 -16.47
CA GLY B 396 11.37 36.66 -17.04
C GLY B 396 12.56 37.27 -16.31
N ALA B 397 12.65 37.00 -15.01
CA ALA B 397 13.70 37.54 -14.17
C ALA B 397 15.07 36.92 -14.50
N VAL B 398 15.11 35.70 -15.05
CA VAL B 398 16.39 35.02 -15.25
C VAL B 398 16.65 34.65 -16.72
N ALA B 399 15.74 34.95 -17.64
CA ALA B 399 15.92 34.47 -19.01
C ALA B 399 17.21 35.02 -19.64
N GLY B 400 17.74 36.14 -19.12
CA GLY B 400 18.97 36.72 -19.66
C GLY B 400 20.20 36.52 -18.77
N ARG B 401 20.02 35.84 -17.63
CA ARG B 401 21.01 35.85 -16.56
C ARG B 401 22.26 35.09 -16.97
N LEU B 402 22.09 33.82 -17.35
CA LEU B 402 23.20 32.97 -17.73
C LEU B 402 23.95 33.58 -18.91
N ILE B 403 23.21 34.07 -19.91
CA ILE B 403 23.80 34.58 -21.14
C ILE B 403 24.62 35.83 -20.84
N ARG B 404 24.12 36.70 -19.94
CA ARG B 404 24.87 37.87 -19.50
C ARG B 404 26.18 37.43 -18.85
N GLN B 405 26.15 36.37 -18.04
CA GLN B 405 27.34 35.90 -17.35
C GLN B 405 28.38 35.40 -18.35
N THR B 406 27.93 34.74 -19.44
CA THR B 406 28.85 34.32 -20.49
C THR B 406 29.48 35.53 -21.18
N LEU B 407 28.69 36.59 -21.39
CA LEU B 407 29.18 37.80 -22.03
C LEU B 407 30.27 38.45 -21.17
N GLU B 408 30.12 38.36 -19.85
CA GLU B 408 31.05 38.98 -18.92
C GLU B 408 32.28 38.10 -18.68
N LYS B 409 32.08 36.77 -18.62
CA LYS B 409 33.16 35.87 -18.22
C LYS B 409 33.93 35.36 -19.43
N PHE B 410 33.33 35.41 -20.63
CA PHE B 410 33.97 34.89 -21.84
C PHE B 410 33.93 35.92 -22.96
N PRO B 411 34.36 37.19 -22.72
CA PRO B 411 34.31 38.24 -23.74
C PRO B 411 35.07 37.93 -25.02
N GLU B 412 36.17 37.17 -24.89
CA GLU B 412 37.07 36.91 -26.02
C GLU B 412 36.34 36.07 -27.07
N GLU B 413 35.56 35.08 -26.61
CA GLU B 413 34.82 34.21 -27.53
C GLU B 413 33.71 34.97 -28.23
N TRP B 414 32.99 35.81 -27.48
CA TRP B 414 31.94 36.63 -28.04
C TRP B 414 32.51 37.58 -29.09
N GLU B 415 33.64 38.22 -28.78
CA GLU B 415 34.26 39.19 -29.66
C GLU B 415 34.67 38.52 -30.98
N LYS B 416 35.08 37.25 -30.91
CA LYS B 416 35.42 36.47 -32.09
C LYS B 416 34.24 36.44 -33.07
N TYR B 417 33.01 36.37 -32.56
CA TYR B 417 31.82 36.37 -33.41
C TYR B 417 31.50 37.79 -33.90
N ARG B 418 31.84 38.81 -33.10
CA ARG B 418 31.58 40.19 -33.48
C ARG B 418 32.54 40.58 -34.62
N LYS B 419 33.85 40.40 -34.38
CA LYS B 419 34.87 40.72 -35.36
C LYS B 419 35.00 39.57 -36.37
N GLU C 5 -4.00 -14.26 52.74
CA GLU C 5 -5.25 -13.52 52.45
C GLU C 5 -4.98 -12.55 51.29
N PHE C 6 -5.12 -13.07 50.06
CA PHE C 6 -4.89 -12.28 48.85
C PHE C 6 -6.17 -11.58 48.45
N GLU C 7 -6.05 -10.30 48.09
CA GLU C 7 -7.17 -9.50 47.61
C GLU C 7 -6.79 -8.82 46.31
N PHE C 8 -7.77 -8.68 45.41
CA PHE C 8 -7.62 -7.89 44.20
C PHE C 8 -7.60 -6.41 44.55
N PRO C 9 -6.70 -5.59 43.96
CA PRO C 9 -6.83 -4.13 44.03
C PRO C 9 -8.20 -3.68 43.54
N GLU C 10 -8.72 -2.60 44.13
CA GLU C 10 -10.11 -2.21 43.96
C GLU C 10 -10.43 -1.99 42.49
N GLU C 11 -9.51 -1.33 41.76
CA GLU C 11 -9.74 -0.96 40.37
C GLU C 11 -9.89 -2.20 39.51
N LEU C 12 -9.16 -3.27 39.85
CA LEU C 12 -9.26 -4.54 39.13
C LEU C 12 -10.55 -5.26 39.52
N LYS C 13 -10.85 -5.29 40.84
CA LYS C 13 -12.04 -5.99 41.32
C LYS C 13 -13.29 -5.44 40.64
N THR C 14 -13.32 -4.11 40.42
CA THR C 14 -14.42 -3.45 39.74
C THR C 14 -14.60 -4.00 38.33
N LYS C 15 -13.50 -4.13 37.57
CA LYS C 15 -13.54 -4.62 36.21
C LYS C 15 -14.03 -6.07 36.18
N LEU C 16 -13.55 -6.88 37.13
CA LEU C 16 -13.94 -8.27 37.23
C LEU C 16 -15.45 -8.36 37.48
N GLN C 17 -15.93 -7.59 38.46
CA GLN C 17 -17.35 -7.54 38.80
C GLN C 17 -18.19 -7.15 37.59
N GLU C 18 -17.61 -6.30 36.73
CA GLU C 18 -18.28 -5.79 35.54
C GLU C 18 -18.46 -6.92 34.52
N HIS C 19 -17.42 -7.73 34.33
CA HIS C 19 -17.52 -8.92 33.48
C HIS C 19 -18.56 -9.89 34.03
N ILE C 20 -18.56 -10.06 35.35
CA ILE C 20 -19.45 -11.01 36.00
C ILE C 20 -20.90 -10.55 35.87
N ASN C 21 -21.11 -9.23 35.80
CA ASN C 21 -22.45 -8.67 35.66
C ASN C 21 -22.90 -8.68 34.20
N TYR C 22 -21.98 -8.96 33.25
CA TYR C 22 -22.20 -8.73 31.84
C TYR C 22 -23.11 -9.80 31.24
N PHE C 23 -22.75 -11.07 31.45
CA PHE C 23 -23.52 -12.18 30.92
C PHE C 23 -24.72 -12.47 31.83
N PRO C 24 -25.75 -13.18 31.34
CA PRO C 24 -26.87 -13.62 32.17
C PRO C 24 -26.49 -14.44 33.40
N LYS C 25 -25.49 -15.33 33.28
CA LYS C 25 -25.02 -16.12 34.40
C LYS C 25 -23.55 -15.79 34.67
N LYS C 26 -23.20 -15.75 35.96
CA LYS C 26 -21.90 -15.26 36.40
C LYS C 26 -20.76 -16.08 35.79
N ARG C 27 -20.95 -17.40 35.74
CA ARG C 27 -19.86 -18.30 35.42
C ARG C 27 -19.43 -18.20 33.95
N GLN C 28 -20.22 -17.49 33.12
CA GLN C 28 -19.87 -17.27 31.72
C GLN C 28 -18.69 -16.30 31.61
N ALA C 29 -18.45 -15.53 32.67
CA ALA C 29 -17.47 -14.45 32.64
C ALA C 29 -16.05 -14.95 32.95
N ILE C 30 -15.88 -16.27 33.13
CA ILE C 30 -14.64 -16.81 33.66
C ILE C 30 -13.45 -16.43 32.77
N LEU C 31 -13.58 -16.59 31.44
CA LEU C 31 -12.46 -16.31 30.54
C LEU C 31 -12.15 -14.82 30.46
N LEU C 32 -13.18 -13.95 30.43
CA LEU C 32 -12.97 -12.52 30.43
C LEU C 32 -12.25 -12.10 31.72
N CYS C 33 -12.65 -12.71 32.84
CA CYS C 33 -12.05 -12.42 34.14
C CYS C 33 -10.56 -12.79 34.14
N LEU C 34 -10.23 -13.97 33.59
CA LEU C 34 -8.86 -14.45 33.59
C LEU C 34 -7.97 -13.61 32.66
N HIS C 35 -8.54 -13.14 31.53
CA HIS C 35 -7.84 -12.22 30.66
C HIS C 35 -7.50 -10.93 31.40
N GLU C 36 -8.46 -10.43 32.19
CA GLU C 36 -8.33 -9.19 32.93
C GLU C 36 -7.21 -9.34 33.95
N ILE C 37 -7.20 -10.48 34.66
CA ILE C 37 -6.20 -10.77 35.68
C ILE C 37 -4.82 -10.83 35.04
N GLN C 38 -4.70 -11.50 33.88
CA GLN C 38 -3.42 -11.65 33.22
C GLN C 38 -2.95 -10.30 32.68
N ASN C 39 -3.87 -9.48 32.18
CA ASN C 39 -3.55 -8.15 31.69
C ASN C 39 -2.96 -7.32 32.85
N TYR C 40 -3.52 -7.48 34.04
CA TYR C 40 -3.19 -6.65 35.18
C TYR C 40 -1.84 -7.02 35.80
N TYR C 41 -1.60 -8.34 35.97
CA TYR C 41 -0.46 -8.82 36.71
C TYR C 41 0.69 -9.21 35.78
N GLY C 42 0.40 -9.43 34.50
CA GLY C 42 1.40 -9.95 33.56
C GLY C 42 1.48 -11.48 33.60
N TYR C 43 0.57 -12.12 34.35
CA TYR C 43 0.43 -13.57 34.42
C TYR C 43 -0.78 -13.88 35.30
N ILE C 44 -1.11 -15.16 35.47
CA ILE C 44 -2.18 -15.56 36.37
C ILE C 44 -1.55 -15.94 37.71
N PRO C 45 -1.64 -15.07 38.76
CA PRO C 45 -1.17 -15.47 40.09
C PRO C 45 -2.00 -16.65 40.62
N PRO C 46 -1.37 -17.79 40.98
CA PRO C 46 -2.12 -18.90 41.61
C PRO C 46 -2.98 -18.52 42.81
N GLU C 47 -2.59 -17.43 43.51
CA GLU C 47 -3.32 -16.94 44.68
C GLU C 47 -4.63 -16.26 44.25
N SER C 48 -4.70 -15.79 42.99
CA SER C 48 -5.84 -15.04 42.49
C SER C 48 -7.05 -15.95 42.26
N LEU C 49 -6.81 -17.26 42.12
CA LEU C 49 -7.84 -18.16 41.63
C LEU C 49 -8.94 -18.35 42.68
N LYS C 50 -8.54 -18.44 43.95
CA LYS C 50 -9.47 -18.72 45.02
C LYS C 50 -10.53 -17.61 45.09
N PRO C 51 -10.16 -16.32 45.25
CA PRO C 51 -11.16 -15.24 45.26
C PRO C 51 -11.92 -15.10 43.94
N LEU C 52 -11.31 -15.47 42.81
CA LEU C 52 -12.05 -15.45 41.55
C LEU C 52 -13.15 -16.50 41.59
N ALA C 53 -12.83 -17.70 42.08
CA ALA C 53 -13.81 -18.76 42.24
C ALA C 53 -15.00 -18.25 43.05
N ASP C 54 -14.72 -17.55 44.17
CA ASP C 54 -15.75 -17.01 45.04
C ASP C 54 -16.67 -16.06 44.28
N MET C 55 -16.08 -15.18 43.48
CA MET C 55 -16.81 -14.14 42.74
C MET C 55 -17.67 -14.76 41.64
N LEU C 56 -17.23 -15.90 41.09
CA LEU C 56 -17.95 -16.61 40.04
C LEU C 56 -18.93 -17.62 40.63
N GLU C 57 -18.88 -17.85 41.96
CA GLU C 57 -19.66 -18.88 42.63
C GLU C 57 -19.39 -20.23 41.99
N LEU C 58 -18.10 -20.56 41.85
CA LEU C 58 -17.64 -21.81 41.27
C LEU C 58 -16.66 -22.47 42.25
N PRO C 59 -16.46 -23.80 42.19
CA PRO C 59 -15.39 -24.44 42.97
C PRO C 59 -14.02 -24.01 42.46
N LEU C 60 -13.02 -24.02 43.36
CA LEU C 60 -11.67 -23.62 43.01
C LEU C 60 -11.11 -24.53 41.91
N ASN C 61 -11.32 -25.85 42.05
CA ASN C 61 -10.72 -26.78 41.11
C ASN C 61 -11.29 -26.56 39.71
N HIS C 62 -12.58 -26.16 39.62
CA HIS C 62 -13.19 -25.79 38.34
C HIS C 62 -12.35 -24.70 37.68
N VAL C 63 -12.01 -23.66 38.46
CA VAL C 63 -11.27 -22.52 37.96
C VAL C 63 -9.87 -22.95 37.54
N GLU C 64 -9.21 -23.78 38.36
CA GLU C 64 -7.89 -24.29 38.07
C GLU C 64 -7.89 -25.10 36.78
N GLY C 65 -8.90 -25.96 36.61
CA GLY C 65 -9.01 -26.77 35.40
C GLY C 65 -9.10 -25.91 34.15
N VAL C 66 -9.82 -24.80 34.25
CA VAL C 66 -10.04 -23.90 33.13
C VAL C 66 -8.73 -23.19 32.79
N VAL C 67 -8.04 -22.67 33.80
CA VAL C 67 -6.75 -22.01 33.60
C VAL C 67 -5.80 -22.98 32.90
N ALA C 68 -5.78 -24.24 33.35
CA ALA C 68 -4.86 -25.24 32.81
C ALA C 68 -5.17 -25.53 31.34
N PHE C 69 -6.47 -25.50 30.98
CA PHE C 69 -6.94 -25.91 29.67
C PHE C 69 -6.57 -24.90 28.58
N TYR C 70 -6.72 -23.61 28.87
CA TYR C 70 -6.65 -22.55 27.87
C TYR C 70 -5.22 -22.02 27.79
N ASP C 71 -4.63 -22.16 26.59
CA ASP C 71 -3.20 -21.96 26.36
C ASP C 71 -2.77 -20.50 26.53
N MET C 72 -3.69 -19.54 26.38
CA MET C 72 -3.30 -18.14 26.46
C MET C 72 -2.88 -17.74 27.88
N PHE C 73 -3.37 -18.47 28.90
CA PHE C 73 -3.10 -18.13 30.29
C PHE C 73 -1.81 -18.78 30.79
N ASP C 74 -1.06 -18.02 31.58
CA ASP C 74 0.28 -18.38 32.03
C ASP C 74 0.36 -18.15 33.54
N ARG C 75 0.63 -19.22 34.30
CA ARG C 75 0.66 -19.14 35.75
C ARG C 75 2.10 -19.11 36.29
N GLU C 76 3.09 -19.09 35.39
CA GLU C 76 4.47 -19.35 35.77
C GLU C 76 5.36 -18.12 35.60
N ASP C 77 5.24 -17.41 34.47
CA ASP C 77 6.16 -16.31 34.17
C ASP C 77 5.40 -14.99 34.07
N LYS C 78 5.82 -14.04 34.91
CA LYS C 78 5.39 -12.66 34.81
C LYS C 78 6.10 -12.02 33.62
N ALA C 79 5.35 -11.26 32.80
CA ALA C 79 5.96 -10.52 31.71
C ALA C 79 5.07 -9.35 31.33
N LYS C 80 5.69 -8.18 31.12
CA LYS C 80 4.96 -6.96 30.79
C LYS C 80 4.40 -7.07 29.37
N TYR C 81 5.22 -7.59 28.45
CA TYR C 81 4.88 -7.70 27.04
C TYR C 81 5.09 -9.14 26.58
N ARG C 82 4.01 -9.79 26.13
N ARG C 82 4.01 -9.79 26.13
CA ARG C 82 4.09 -11.11 25.53
CA ARG C 82 4.08 -11.11 25.54
C ARG C 82 4.22 -10.98 24.03
C ARG C 82 4.22 -10.98 24.03
N ILE C 83 5.35 -11.50 23.50
CA ILE C 83 5.58 -11.53 22.07
C ILE C 83 5.14 -12.91 21.58
N ARG C 84 3.92 -12.96 21.03
CA ARG C 84 3.38 -14.21 20.49
C ARG C 84 3.87 -14.35 19.05
N VAL C 85 4.67 -15.41 18.82
CA VAL C 85 5.20 -15.68 17.51
C VAL C 85 4.50 -16.90 16.94
N CYS C 86 3.88 -16.73 15.77
CA CYS C 86 3.18 -17.84 15.13
C CYS C 86 4.19 -18.84 14.58
N VAL C 87 3.98 -20.13 14.89
CA VAL C 87 4.88 -21.18 14.43
C VAL C 87 4.14 -22.17 13.53
N SER C 88 2.94 -21.83 13.05
CA SER C 88 2.18 -22.75 12.20
C SER C 88 2.67 -22.69 10.76
N ILE C 89 2.08 -23.53 9.91
CA ILE C 89 2.55 -23.85 8.57
C ILE C 89 2.90 -22.60 7.76
N VAL C 90 1.97 -21.65 7.63
CA VAL C 90 2.18 -20.56 6.67
C VAL C 90 3.33 -19.68 7.15
N CYS C 91 3.30 -19.25 8.41
CA CYS C 91 4.37 -18.43 8.95
C CYS C 91 5.71 -19.16 8.88
N HIS C 92 5.70 -20.49 9.03
CA HIS C 92 6.92 -21.27 8.96
C HIS C 92 7.51 -21.21 7.55
N LEU C 93 6.67 -21.41 6.53
CA LEU C 93 7.07 -21.34 5.14
C LEU C 93 7.62 -19.97 4.77
N MET C 94 7.07 -18.90 5.38
CA MET C 94 7.36 -17.54 4.95
C MET C 94 8.43 -16.88 5.83
N GLY C 95 8.78 -17.49 6.98
CA GLY C 95 9.99 -17.13 7.69
C GLY C 95 9.85 -16.89 9.20
N THR C 96 9.12 -17.75 9.91
CA THR C 96 9.14 -17.75 11.37
C THR C 96 10.58 -17.71 11.91
N ASN C 97 11.47 -18.53 11.32
CA ASN C 97 12.82 -18.69 11.85
C ASN C 97 13.61 -17.39 11.70
N LYS C 98 13.36 -16.62 10.64
CA LYS C 98 13.96 -15.30 10.48
C LYS C 98 13.53 -14.38 11.62
N LEU C 99 12.24 -14.41 11.95
CA LEU C 99 11.68 -13.58 13.01
C LEU C 99 12.27 -13.96 14.36
N LEU C 100 12.33 -15.27 14.66
CA LEU C 100 12.91 -15.73 15.90
C LEU C 100 14.37 -15.33 16.01
N LYS C 101 15.11 -15.45 14.91
CA LYS C 101 16.53 -15.11 14.88
C LYS C 101 16.71 -13.62 15.18
N ALA C 102 15.82 -12.80 14.60
CA ALA C 102 15.84 -11.35 14.80
C ALA C 102 15.53 -11.01 16.26
N LEU C 103 14.53 -11.71 16.82
CA LEU C 103 14.13 -11.51 18.20
C LEU C 103 15.27 -11.86 19.14
N GLU C 104 16.01 -12.94 18.83
CA GLU C 104 17.15 -13.33 19.64
C GLU C 104 18.26 -12.29 19.53
N ASN C 105 18.46 -11.74 18.31
CA ASN C 105 19.47 -10.72 18.09
C ASN C 105 19.21 -9.48 18.94
N ILE C 106 17.94 -9.06 19.06
CA ILE C 106 17.61 -7.81 19.74
C ILE C 106 17.50 -8.04 21.25
N LEU C 107 16.80 -9.09 21.66
CA LEU C 107 16.36 -9.23 23.05
C LEU C 107 17.22 -10.25 23.81
N GLY C 108 17.90 -11.15 23.08
CA GLY C 108 18.76 -12.15 23.68
C GLY C 108 17.97 -13.27 24.35
N ILE C 109 16.83 -13.66 23.76
CA ILE C 109 16.02 -14.75 24.30
C ILE C 109 15.44 -15.58 23.16
N LYS C 110 15.06 -16.81 23.51
CA LYS C 110 14.46 -17.76 22.58
C LYS C 110 13.02 -18.03 23.02
N PRO C 111 12.19 -18.73 22.22
CA PRO C 111 10.82 -19.04 22.62
C PRO C 111 10.75 -19.70 24.00
N GLY C 112 9.79 -19.24 24.81
CA GLY C 112 9.58 -19.76 26.15
C GLY C 112 10.35 -18.97 27.22
N GLU C 113 11.26 -18.08 26.80
CA GLU C 113 12.11 -17.38 27.74
C GLU C 113 11.59 -15.96 28.00
N VAL C 114 11.85 -15.47 29.23
CA VAL C 114 11.59 -14.09 29.62
C VAL C 114 12.94 -13.38 29.75
N THR C 115 12.98 -12.09 29.39
CA THR C 115 14.17 -11.28 29.60
C THR C 115 14.42 -11.11 31.10
N PRO C 116 15.66 -10.82 31.55
CA PRO C 116 15.96 -10.71 32.98
C PRO C 116 15.12 -9.66 33.72
N ASP C 117 14.89 -8.52 33.07
CA ASP C 117 14.09 -7.44 33.63
C ASP C 117 12.60 -7.79 33.64
N GLY C 118 12.22 -8.90 33.02
CA GLY C 118 10.84 -9.38 33.04
C GLY C 118 9.95 -8.61 32.07
N LYS C 119 10.56 -8.03 31.03
CA LYS C 119 9.89 -7.08 30.16
C LYS C 119 9.24 -7.79 28.97
N PHE C 120 10.00 -8.71 28.35
CA PHE C 120 9.53 -9.44 27.18
C PHE C 120 9.59 -10.93 27.45
N LYS C 121 8.51 -11.64 27.07
CA LYS C 121 8.52 -13.08 26.96
C LYS C 121 8.08 -13.46 25.54
N ILE C 122 8.85 -14.36 24.91
CA ILE C 122 8.47 -14.90 23.61
C ILE C 122 7.63 -16.15 23.82
N VAL C 123 6.41 -16.14 23.25
CA VAL C 123 5.47 -17.25 23.36
C VAL C 123 5.23 -17.81 21.97
N PRO C 124 5.61 -19.08 21.70
CA PRO C 124 5.27 -19.69 20.41
C PRO C 124 3.79 -20.03 20.43
N VAL C 125 3.07 -19.62 19.38
CA VAL C 125 1.63 -19.84 19.30
C VAL C 125 1.27 -20.50 17.97
N GLN C 126 0.08 -21.08 17.92
CA GLN C 126 -0.48 -21.62 16.69
C GLN C 126 -1.01 -20.46 15.85
N CYS C 127 -1.47 -20.79 14.62
CA CYS C 127 -1.89 -19.83 13.62
C CYS C 127 -2.72 -18.69 14.23
N LEU C 128 -2.31 -17.45 13.94
CA LEU C 128 -2.92 -16.24 14.49
C LEU C 128 -4.01 -15.67 13.59
N GLY C 129 -4.35 -16.37 12.50
CA GLY C 129 -5.38 -15.90 11.58
C GLY C 129 -4.97 -14.62 10.84
N ALA C 130 -3.69 -14.54 10.41
CA ALA C 130 -3.21 -13.42 9.61
C ALA C 130 -2.16 -13.91 8.61
N CYS C 131 -2.44 -15.06 8.00
CA CYS C 131 -1.47 -15.88 7.30
C CYS C 131 -0.94 -15.16 6.06
N SER C 132 -1.78 -14.35 5.43
CA SER C 132 -1.37 -13.55 4.28
C SER C 132 -0.22 -12.62 4.64
N GLU C 133 -0.10 -12.28 5.93
CA GLU C 133 0.93 -11.36 6.42
C GLU C 133 2.05 -12.11 7.14
N ALA C 134 2.20 -13.40 6.82
CA ALA C 134 3.25 -14.22 7.42
C ALA C 134 4.61 -13.60 7.14
N PRO C 135 5.58 -13.63 8.09
CA PRO C 135 5.38 -14.22 9.41
C PRO C 135 4.83 -13.21 10.41
N VAL C 136 3.87 -13.68 11.24
CA VAL C 136 3.07 -12.84 12.11
C VAL C 136 3.57 -12.94 13.55
N PHE C 137 3.50 -11.81 14.26
CA PHE C 137 3.69 -11.80 15.70
C PHE C 137 2.77 -10.77 16.34
N MET C 138 2.50 -10.99 17.63
CA MET C 138 1.77 -10.03 18.44
C MET C 138 2.70 -9.53 19.55
N VAL C 139 2.44 -8.30 20.01
CA VAL C 139 3.04 -7.78 21.22
C VAL C 139 1.87 -7.35 22.11
N ASN C 140 1.61 -8.12 23.19
CA ASN C 140 0.34 -8.10 23.86
C ASN C 140 -0.76 -8.11 22.81
N ASP C 141 -1.62 -7.08 22.74
CA ASP C 141 -2.79 -7.12 21.87
C ASP C 141 -2.48 -6.62 20.46
N ASP C 142 -1.30 -6.02 20.26
CA ASP C 142 -0.95 -5.45 18.96
C ASP C 142 -0.39 -6.55 18.06
N GLU C 143 -0.77 -6.54 16.79
CA GLU C 143 -0.34 -7.58 15.86
C GLU C 143 0.33 -6.96 14.65
N TYR C 144 1.38 -7.63 14.14
CA TYR C 144 2.25 -7.10 13.12
C TYR C 144 2.72 -8.19 12.17
N LYS C 145 3.00 -7.79 10.93
CA LYS C 145 3.84 -8.60 10.03
C LYS C 145 5.30 -8.28 10.30
N PHE C 146 6.14 -9.32 10.42
CA PHE C 146 7.59 -9.16 10.48
C PHE C 146 8.12 -8.93 9.08
N GLU C 147 8.86 -7.82 8.90
CA GLU C 147 9.47 -7.48 7.62
C GLU C 147 10.97 -7.70 7.68
N SER C 148 11.62 -7.25 8.75
CA SER C 148 13.06 -7.31 8.88
C SER C 148 13.47 -6.98 10.31
N GLU C 149 14.76 -7.21 10.62
CA GLU C 149 15.26 -6.96 11.96
C GLU C 149 15.23 -5.46 12.27
N VAL C 150 15.53 -4.61 11.27
CA VAL C 150 15.53 -3.16 11.46
C VAL C 150 14.12 -2.69 11.78
N GLN C 151 13.13 -3.22 11.05
CA GLN C 151 11.72 -2.90 11.26
C GLN C 151 11.28 -3.35 12.66
N LEU C 152 11.65 -4.58 13.02
CA LEU C 152 11.25 -5.18 14.30
C LEU C 152 11.81 -4.37 15.46
N ASN C 153 13.07 -3.95 15.34
CA ASN C 153 13.73 -3.23 16.42
C ASN C 153 12.94 -1.96 16.76
N GLU C 154 12.50 -1.25 15.71
CA GLU C 154 11.75 -0.01 15.82
C GLU C 154 10.39 -0.26 16.48
N ILE C 155 9.71 -1.34 16.08
CA ILE C 155 8.43 -1.70 16.65
C ILE C 155 8.60 -1.97 18.15
N LEU C 156 9.61 -2.78 18.51
CA LEU C 156 9.80 -3.19 19.90
C LEU C 156 10.16 -2.00 20.79
N SER C 157 10.82 -0.98 20.21
CA SER C 157 11.22 0.19 20.98
C SER C 157 10.01 1.05 21.38
N ARG C 158 8.83 0.76 20.81
CA ARG C 158 7.60 1.44 21.18
C ARG C 158 7.08 0.93 22.53
N TYR C 159 7.58 -0.22 22.97
CA TYR C 159 7.14 -0.85 24.21
C TYR C 159 8.20 -0.63 25.29
N THR C 160 7.93 0.32 26.19
CA THR C 160 8.89 0.71 27.22
C THR C 160 8.47 0.14 28.58
N ARG D 2 -11.16 6.39 19.90
CA ARG D 2 -11.48 4.94 19.90
C ARG D 2 -10.30 4.14 19.37
N SER D 3 -9.17 4.19 20.08
CA SER D 3 -7.97 3.47 19.66
C SER D 3 -8.17 1.96 19.83
N TYR D 4 -7.89 1.22 18.76
CA TYR D 4 -7.87 -0.24 18.81
C TYR D 4 -6.42 -0.70 18.70
N PRO D 5 -6.10 -1.95 19.13
CA PRO D 5 -4.77 -2.52 18.91
C PRO D 5 -4.42 -2.60 17.42
N ALA D 6 -3.13 -2.65 17.11
CA ALA D 6 -2.66 -2.76 15.74
C ALA D 6 -3.11 -4.08 15.11
N ILE D 7 -3.59 -3.98 13.87
CA ILE D 7 -3.98 -5.10 13.01
C ILE D 7 -3.18 -4.97 11.72
N PRO D 8 -2.51 -6.03 11.22
CA PRO D 8 -1.88 -5.97 9.90
C PRO D 8 -2.94 -5.77 8.82
N ARG D 9 -2.58 -5.03 7.76
CA ARG D 9 -3.52 -4.64 6.72
C ARG D 9 -3.57 -5.71 5.64
N ILE D 10 -4.41 -6.70 5.87
CA ILE D 10 -4.61 -7.82 4.95
C ILE D 10 -5.21 -7.26 3.66
N TYR D 11 -4.66 -7.68 2.52
CA TYR D 11 -5.20 -7.28 1.22
C TYR D 11 -6.54 -7.99 0.99
N ALA D 12 -7.49 -7.26 0.40
CA ALA D 12 -8.81 -7.80 0.10
C ALA D 12 -9.31 -7.26 -1.25
N GLU D 13 -9.89 -8.17 -2.04
CA GLU D 13 -10.32 -7.87 -3.40
C GLU D 13 -11.64 -8.59 -3.66
N THR D 14 -12.55 -7.93 -4.40
CA THR D 14 -13.88 -8.46 -4.63
C THR D 14 -14.27 -8.22 -6.09
N THR D 15 -14.91 -9.23 -6.71
CA THR D 15 -15.55 -9.06 -8.00
C THR D 15 -17.05 -8.85 -7.84
N LEU D 16 -17.58 -9.02 -6.62
CA LEU D 16 -19.01 -9.05 -6.36
C LEU D 16 -19.47 -7.84 -5.56
N ASN D 17 -18.57 -7.25 -4.76
CA ASN D 17 -18.86 -6.05 -3.99
C ASN D 17 -20.01 -6.26 -3.01
N MET D 18 -19.95 -7.34 -2.23
CA MET D 18 -21.01 -7.63 -1.28
C MET D 18 -20.41 -7.66 0.12
N LEU D 19 -19.81 -8.79 0.52
CA LEU D 19 -19.22 -8.95 1.84
C LEU D 19 -18.05 -7.98 2.02
N LEU D 20 -17.37 -7.65 0.93
CA LEU D 20 -16.18 -6.82 1.01
C LEU D 20 -16.41 -5.42 0.42
N LYS D 21 -17.67 -4.99 0.30
N LYS D 21 -17.67 -4.99 0.29
CA LYS D 21 -17.97 -3.68 -0.25
CA LYS D 21 -17.94 -3.66 -0.26
C LYS D 21 -17.24 -2.60 0.57
C LYS D 21 -17.22 -2.61 0.58
N ARG D 22 -17.29 -2.73 1.91
CA ARG D 22 -16.57 -1.84 2.80
C ARG D 22 -15.26 -2.48 3.28
N ALA D 23 -15.28 -3.80 3.52
CA ALA D 23 -14.15 -4.48 4.15
C ALA D 23 -12.98 -4.67 3.18
N LYS D 24 -13.16 -4.30 1.90
CA LYS D 24 -12.02 -4.23 1.00
C LYS D 24 -11.12 -3.06 1.39
N LYS D 25 -11.61 -2.15 2.23
CA LYS D 25 -10.80 -1.07 2.77
C LYS D 25 -10.39 -1.44 4.20
N PRO D 26 -9.08 -1.39 4.53
CA PRO D 26 -8.60 -1.90 5.81
C PRO D 26 -8.71 -0.92 6.98
N ARG D 27 -9.95 -0.68 7.40
CA ARG D 27 -10.23 0.19 8.54
C ARG D 27 -11.62 -0.12 9.07
N VAL D 28 -11.89 0.32 10.31
CA VAL D 28 -13.20 0.16 10.91
C VAL D 28 -14.20 1.06 10.19
N HIS D 29 -15.29 0.46 9.70
CA HIS D 29 -16.42 1.22 9.19
C HIS D 29 -17.49 1.29 10.29
N SER D 30 -17.80 2.53 10.71
CA SER D 30 -18.71 2.75 11.83
C SER D 30 -20.14 2.84 11.30
N ILE D 31 -21.10 3.02 12.22
CA ILE D 31 -22.51 2.79 11.91
C ILE D 31 -23.02 3.83 10.90
N ASP D 32 -22.48 5.05 10.93
CA ASP D 32 -22.93 6.08 10.01
C ASP D 32 -22.55 5.74 8.58
N GLU D 33 -21.33 5.22 8.37
CA GLU D 33 -20.92 4.78 7.05
C GLU D 33 -21.74 3.57 6.59
N TYR D 34 -22.01 2.67 7.54
CA TYR D 34 -22.81 1.49 7.25
C TYR D 34 -24.21 1.92 6.81
N LEU D 35 -24.77 2.88 7.56
CA LEU D 35 -26.10 3.41 7.29
C LEU D 35 -26.15 4.15 5.95
N LYS D 36 -25.08 4.87 5.62
CA LYS D 36 -25.03 5.66 4.40
C LYS D 36 -25.08 4.73 3.18
N ASP D 37 -24.56 3.50 3.35
CA ASP D 37 -24.58 2.47 2.31
C ASP D 37 -25.86 1.64 2.37
N GLY D 38 -26.85 2.09 3.14
CA GLY D 38 -28.15 1.46 3.17
C GLY D 38 -28.22 0.32 4.17
N GLY D 39 -27.25 0.25 5.08
CA GLY D 39 -27.22 -0.77 6.11
C GLY D 39 -28.41 -0.65 7.06
N TYR D 40 -28.86 -1.81 7.58
CA TYR D 40 -29.91 -1.94 8.57
C TYR D 40 -31.31 -1.80 7.96
N GLN D 41 -31.41 -1.58 6.64
CA GLN D 41 -32.70 -1.58 5.96
C GLN D 41 -33.17 -3.02 5.72
N ALA D 42 -32.21 -3.93 5.57
CA ALA D 42 -32.53 -5.36 5.50
C ALA D 42 -33.17 -5.81 6.80
N LEU D 43 -32.65 -5.34 7.95
CA LEU D 43 -33.22 -5.65 9.24
C LEU D 43 -34.65 -5.13 9.35
N GLU D 44 -34.84 -3.87 8.94
CA GLU D 44 -36.14 -3.24 9.02
C GLU D 44 -37.13 -4.03 8.17
N LYS D 45 -36.69 -4.44 6.97
CA LYS D 45 -37.49 -5.24 6.07
C LYS D 45 -37.80 -6.60 6.72
N ALA D 46 -36.78 -7.19 7.36
CA ALA D 46 -36.92 -8.51 7.97
C ALA D 46 -37.97 -8.47 9.09
N LEU D 47 -37.93 -7.41 9.89
CA LEU D 47 -38.84 -7.29 11.03
C LEU D 47 -40.28 -7.10 10.56
N ASN D 48 -40.48 -6.74 9.29
CA ASN D 48 -41.82 -6.67 8.73
C ASN D 48 -42.20 -8.00 8.08
N MET D 49 -41.35 -9.01 8.25
CA MET D 49 -41.63 -10.35 7.77
C MET D 49 -41.81 -11.27 8.96
N SER D 50 -42.46 -12.41 8.74
CA SER D 50 -42.58 -13.45 9.74
C SER D 50 -41.25 -14.17 9.84
N PRO D 51 -40.88 -14.71 11.03
CA PRO D 51 -39.73 -15.60 11.15
C PRO D 51 -39.73 -16.69 10.08
N GLU D 52 -40.89 -17.36 9.93
CA GLU D 52 -41.06 -18.45 8.98
C GLU D 52 -40.64 -18.05 7.56
N GLU D 53 -40.99 -16.84 7.12
CA GLU D 53 -40.72 -16.43 5.75
C GLU D 53 -39.22 -16.16 5.58
N ILE D 54 -38.59 -15.60 6.61
CA ILE D 54 -37.16 -15.36 6.58
C ILE D 54 -36.41 -16.68 6.42
N ILE D 55 -36.80 -17.68 7.23
CA ILE D 55 -36.23 -19.02 7.12
C ILE D 55 -36.38 -19.54 5.70
N ASP D 56 -37.58 -19.34 5.13
CA ASP D 56 -37.89 -19.80 3.77
C ASP D 56 -36.96 -19.15 2.76
N TRP D 57 -36.72 -17.83 2.88
CA TRP D 57 -35.84 -17.14 1.94
C TRP D 57 -34.42 -17.67 2.06
N VAL D 58 -33.94 -17.82 3.30
CA VAL D 58 -32.58 -18.27 3.54
C VAL D 58 -32.42 -19.69 3.02
N ASP D 59 -33.46 -20.51 3.21
CA ASP D 59 -33.52 -21.85 2.65
C ASP D 59 -33.42 -21.81 1.12
N LYS D 60 -34.29 -21.01 0.48
CA LYS D 60 -34.38 -20.99 -0.98
C LYS D 60 -33.14 -20.34 -1.59
N SER D 61 -32.37 -19.60 -0.80
CA SER D 61 -31.14 -18.96 -1.27
C SER D 61 -30.06 -20.01 -1.56
N THR D 62 -30.18 -21.18 -0.93
CA THR D 62 -29.23 -22.30 -1.01
C THR D 62 -27.99 -22.02 -0.18
N LEU D 63 -27.98 -20.93 0.61
CA LEU D 63 -26.87 -20.63 1.51
C LEU D 63 -26.48 -21.88 2.30
N ARG D 64 -25.18 -22.19 2.31
CA ARG D 64 -24.59 -23.27 3.07
C ARG D 64 -23.56 -22.73 4.06
N GLY D 65 -23.32 -23.49 5.12
CA GLY D 65 -22.35 -23.15 6.16
C GLY D 65 -20.99 -22.83 5.56
N ARG D 66 -20.39 -21.73 6.06
CA ARG D 66 -19.10 -21.25 5.58
C ARG D 66 -18.01 -21.54 6.60
N GLY D 67 -18.36 -22.27 7.67
CA GLY D 67 -17.40 -22.59 8.72
C GLY D 67 -16.69 -23.93 8.47
N GLY D 68 -17.00 -24.60 7.34
CA GLY D 68 -16.22 -25.76 6.95
C GLY D 68 -17.04 -26.94 6.43
N ALA D 69 -18.26 -27.14 6.96
CA ALA D 69 -19.00 -28.36 6.71
C ALA D 69 -20.04 -28.18 5.60
N GLY D 70 -20.45 -26.93 5.35
CA GLY D 70 -21.34 -26.63 4.23
C GLY D 70 -22.76 -27.15 4.44
N PHE D 71 -23.24 -27.14 5.70
CA PHE D 71 -24.59 -27.58 5.97
C PHE D 71 -25.58 -26.49 5.52
N PRO D 72 -26.70 -26.84 4.83
CA PRO D 72 -27.71 -25.84 4.46
C PRO D 72 -28.23 -25.05 5.66
N THR D 73 -28.09 -23.72 5.60
CA THR D 73 -28.35 -22.84 6.73
C THR D 73 -29.83 -22.81 7.07
N GLY D 74 -30.67 -22.63 6.03
CA GLY D 74 -32.11 -22.59 6.21
C GLY D 74 -32.63 -23.85 6.89
N LYS D 75 -32.11 -25.00 6.44
CA LYS D 75 -32.46 -26.30 6.98
C LYS D 75 -32.12 -26.33 8.47
N LYS D 76 -30.93 -25.83 8.81
CA LYS D 76 -30.48 -25.81 10.20
C LYS D 76 -31.46 -25.01 11.05
N TRP D 77 -31.86 -23.83 10.54
CA TRP D 77 -32.77 -22.94 11.24
C TRP D 77 -34.13 -23.61 11.45
N LYS D 78 -34.61 -24.29 10.40
CA LYS D 78 -35.89 -24.98 10.44
C LYS D 78 -35.88 -26.01 11.57
N PHE D 79 -34.78 -26.76 11.69
CA PHE D 79 -34.70 -27.80 12.72
C PHE D 79 -34.84 -27.18 14.10
N ALA D 80 -34.19 -26.02 14.32
CA ALA D 80 -34.19 -25.38 15.62
C ALA D 80 -35.62 -25.00 16.05
N VAL D 81 -36.40 -24.44 15.11
CA VAL D 81 -37.68 -23.83 15.45
C VAL D 81 -38.76 -24.91 15.56
N GLN D 82 -38.46 -26.17 15.23
CA GLN D 82 -39.37 -27.28 15.47
C GLN D 82 -39.34 -27.64 16.96
N ASN D 83 -38.36 -27.10 17.69
CA ASN D 83 -38.15 -27.43 19.09
C ASN D 83 -38.58 -26.24 19.96
N PRO D 84 -39.25 -26.48 21.11
CA PRO D 84 -39.70 -25.41 21.99
C PRO D 84 -38.59 -24.50 22.51
N GLY D 85 -38.92 -23.22 22.68
CA GLY D 85 -37.97 -22.22 23.16
C GLY D 85 -37.76 -22.29 24.67
N PRO D 86 -36.93 -21.39 25.26
CA PRO D 86 -36.24 -20.35 24.50
C PRO D 86 -35.15 -20.94 23.62
N ARG D 87 -34.74 -20.17 22.61
CA ARG D 87 -33.67 -20.57 21.70
C ARG D 87 -32.54 -19.55 21.76
N TYR D 88 -31.33 -20.00 21.40
CA TYR D 88 -30.15 -19.16 21.42
C TYR D 88 -29.50 -19.15 20.05
N PHE D 89 -28.95 -17.98 19.66
CA PHE D 89 -28.21 -17.84 18.42
C PHE D 89 -26.75 -17.55 18.75
N ILE D 90 -25.84 -18.29 18.11
CA ILE D 90 -24.42 -18.14 18.36
C ILE D 90 -23.69 -17.88 17.04
N CYS D 91 -22.93 -16.79 17.02
CA CYS D 91 -22.00 -16.48 15.95
C CYS D 91 -20.64 -17.08 16.29
N ASN D 92 -20.18 -18.03 15.46
CA ASN D 92 -18.87 -18.65 15.64
C ASN D 92 -17.78 -17.80 14.98
N ALA D 93 -17.04 -17.05 15.80
CA ALA D 93 -15.90 -16.26 15.36
C ALA D 93 -14.58 -16.76 15.96
N ASP D 94 -14.44 -18.09 16.09
CA ASP D 94 -13.24 -18.68 16.68
C ASP D 94 -12.09 -18.81 15.67
N GLU D 95 -12.41 -18.83 14.37
CA GLU D 95 -11.44 -18.85 13.27
C GLU D 95 -9.98 -19.04 13.69
N SER D 96 -9.53 -20.30 13.76
CA SER D 96 -8.19 -20.62 14.26
C SER D 96 -7.47 -21.66 13.41
N GLU D 97 -8.13 -22.16 12.35
CA GLU D 97 -7.50 -23.14 11.48
C GLU D 97 -6.37 -22.49 10.69
N PRO D 98 -5.19 -23.14 10.56
CA PRO D 98 -4.09 -22.61 9.75
C PRO D 98 -4.51 -22.20 8.35
N GLY D 99 -4.12 -20.96 7.98
CA GLY D 99 -4.42 -20.41 6.67
C GLY D 99 -5.69 -19.57 6.63
N THR D 100 -6.55 -19.66 7.67
CA THR D 100 -7.89 -19.08 7.59
C THR D 100 -7.91 -17.75 8.32
N PHE D 101 -8.23 -16.68 7.56
CA PHE D 101 -8.27 -15.32 8.08
C PHE D 101 -9.39 -14.52 7.39
N LYS D 102 -10.41 -15.21 6.89
CA LYS D 102 -11.49 -14.57 6.14
C LYS D 102 -12.48 -13.88 7.08
N ASP D 103 -12.81 -14.49 8.22
CA ASP D 103 -13.87 -13.98 9.08
C ASP D 103 -13.45 -12.67 9.73
N ARG D 104 -12.17 -12.53 10.08
CA ARG D 104 -11.74 -11.39 10.86
C ARG D 104 -11.88 -10.09 10.07
N ILE D 105 -11.78 -10.13 8.74
CA ILE D 105 -11.81 -8.88 7.99
C ILE D 105 -13.24 -8.30 8.01
N ILE D 106 -14.26 -9.18 8.08
CA ILE D 106 -15.63 -8.74 8.28
C ILE D 106 -15.75 -8.13 9.67
N ILE D 107 -15.29 -8.88 10.67
CA ILE D 107 -15.38 -8.44 12.06
C ILE D 107 -14.73 -7.07 12.23
N GLU D 108 -13.51 -6.92 11.71
CA GLU D 108 -12.66 -5.79 12.09
C GLU D 108 -12.95 -4.55 11.23
N ARG D 109 -13.53 -4.74 10.04
CA ARG D 109 -13.70 -3.64 9.10
C ARG D 109 -15.16 -3.27 8.89
N ASP D 110 -16.07 -4.26 8.94
CA ASP D 110 -17.49 -4.01 8.68
C ASP D 110 -18.34 -4.73 9.72
N PRO D 111 -18.13 -4.47 11.02
CA PRO D 111 -18.82 -5.22 12.08
C PRO D 111 -20.34 -5.18 12.00
N HIS D 112 -20.90 -4.08 11.46
CA HIS D 112 -22.35 -3.92 11.35
C HIS D 112 -22.97 -4.91 10.36
N LEU D 113 -22.22 -5.38 9.37
CA LEU D 113 -22.73 -6.39 8.46
C LEU D 113 -22.99 -7.68 9.23
N LEU D 114 -22.07 -8.03 10.13
CA LEU D 114 -22.24 -9.23 10.94
C LEU D 114 -23.35 -9.01 11.95
N ILE D 115 -23.35 -7.85 12.62
CA ILE D 115 -24.35 -7.57 13.65
C ILE D 115 -25.74 -7.60 13.03
N GLU D 116 -25.90 -6.97 11.87
CA GLU D 116 -27.19 -6.95 11.20
C GLU D 116 -27.64 -8.39 10.90
N GLY D 117 -26.72 -9.22 10.44
CA GLY D 117 -27.04 -10.61 10.15
C GLY D 117 -27.47 -11.40 11.38
N ILE D 118 -26.78 -11.15 12.51
CA ILE D 118 -27.10 -11.79 13.78
C ILE D 118 -28.53 -11.43 14.20
N ILE D 119 -28.90 -10.15 14.06
CA ILE D 119 -30.20 -9.70 14.50
C ILE D 119 -31.29 -10.36 13.66
N ILE D 120 -31.09 -10.41 12.33
CA ILE D 120 -32.06 -11.00 11.44
C ILE D 120 -32.20 -12.50 11.77
N SER D 121 -31.06 -13.17 11.90
CA SER D 121 -31.02 -14.61 12.16
C SER D 121 -31.69 -14.93 13.49
N SER D 122 -31.41 -14.10 14.50
CA SER D 122 -31.96 -14.29 15.82
C SER D 122 -33.48 -14.17 15.77
N TYR D 123 -33.96 -13.17 15.02
CA TYR D 123 -35.39 -12.97 14.86
C TYR D 123 -36.00 -14.16 14.15
N ALA D 124 -35.33 -14.65 13.10
CA ALA D 124 -35.83 -15.78 12.33
C ALA D 124 -36.08 -17.00 13.21
N ILE D 125 -35.21 -17.25 14.21
CA ILE D 125 -35.31 -18.47 15.01
C ILE D 125 -35.93 -18.18 16.38
N GLY D 126 -36.34 -16.93 16.64
CA GLY D 126 -36.99 -16.59 17.89
C GLY D 126 -36.03 -16.56 19.08
N ALA D 127 -34.75 -16.27 18.82
CA ALA D 127 -33.79 -16.10 19.90
C ALA D 127 -33.76 -14.64 20.36
N ASN D 128 -33.81 -14.43 21.68
CA ASN D 128 -33.77 -13.10 22.26
C ASN D 128 -32.40 -12.82 22.88
N GLU D 129 -31.52 -13.81 22.79
CA GLU D 129 -30.19 -13.73 23.36
C GLU D 129 -29.24 -14.38 22.36
N ALA D 130 -28.26 -13.61 21.91
CA ALA D 130 -27.30 -14.07 20.92
C ALA D 130 -25.89 -13.87 21.46
N TYR D 131 -24.96 -14.69 20.97
CA TYR D 131 -23.57 -14.59 21.36
C TYR D 131 -22.67 -14.52 20.14
N ILE D 132 -21.59 -13.73 20.30
CA ILE D 132 -20.42 -13.84 19.46
C ILE D 132 -19.32 -14.45 20.34
N TYR D 133 -18.80 -15.59 19.90
CA TYR D 133 -17.62 -16.19 20.51
C TYR D 133 -16.43 -15.94 19.59
N ILE D 134 -15.56 -15.02 20.00
CA ILE D 134 -14.40 -14.62 19.21
C ILE D 134 -13.14 -15.10 19.91
N ARG D 135 -12.23 -15.70 19.14
CA ARG D 135 -10.99 -16.23 19.69
C ARG D 135 -10.28 -15.11 20.44
N GLY D 136 -9.53 -15.50 21.47
CA GLY D 136 -8.84 -14.57 22.33
C GLY D 136 -7.71 -13.82 21.61
N GLU D 137 -7.18 -14.39 20.53
CA GLU D 137 -6.06 -13.81 19.81
C GLU D 137 -6.53 -12.77 18.78
N TYR D 138 -7.84 -12.48 18.78
CA TYR D 138 -8.41 -11.36 18.04
C TYR D 138 -8.89 -10.28 19.02
N PRO D 139 -8.00 -9.63 19.79
CA PRO D 139 -8.42 -8.63 20.76
C PRO D 139 -9.05 -7.39 20.12
N ALA D 140 -8.48 -6.92 18.99
CA ALA D 140 -9.02 -5.77 18.29
C ALA D 140 -10.44 -6.06 17.80
N GLY D 141 -10.66 -7.27 17.25
CA GLY D 141 -11.99 -7.67 16.82
C GLY D 141 -12.99 -7.60 17.97
N TYR D 142 -12.55 -8.02 19.16
CA TYR D 142 -13.37 -8.01 20.34
C TYR D 142 -13.84 -6.58 20.66
N TYR D 143 -12.89 -5.64 20.76
CA TYR D 143 -13.20 -4.26 21.13
C TYR D 143 -14.01 -3.58 20.03
N ILE D 144 -13.69 -3.88 18.76
CA ILE D 144 -14.41 -3.32 17.63
C ILE D 144 -15.88 -3.77 17.68
N LEU D 145 -16.13 -5.04 18.01
CA LEU D 145 -17.49 -5.58 18.06
C LEU D 145 -18.26 -4.97 19.24
N ARG D 146 -17.60 -4.87 20.41
CA ARG D 146 -18.22 -4.28 21.60
C ARG D 146 -18.70 -2.86 21.29
N ASP D 147 -17.85 -2.08 20.62
CA ASP D 147 -18.17 -0.70 20.28
C ASP D 147 -19.30 -0.67 19.25
N ALA D 148 -19.28 -1.59 18.28
CA ALA D 148 -20.28 -1.59 17.23
C ALA D 148 -21.65 -1.95 17.79
N ILE D 149 -21.67 -2.89 18.75
CA ILE D 149 -22.91 -3.30 19.40
C ILE D 149 -23.51 -2.09 20.14
N GLU D 150 -22.67 -1.32 20.84
CA GLU D 150 -23.13 -0.11 21.49
C GLU D 150 -23.73 0.87 20.47
N GLU D 151 -23.04 1.06 19.34
CA GLU D 151 -23.55 1.93 18.28
C GLU D 151 -24.94 1.48 17.84
N ALA D 152 -25.11 0.15 17.66
CA ALA D 152 -26.36 -0.41 17.20
C ALA D 152 -27.46 -0.19 18.23
N LYS D 153 -27.12 -0.38 19.52
CA LYS D 153 -28.03 -0.10 20.62
C LYS D 153 -28.57 1.33 20.54
N LYS D 154 -27.66 2.30 20.33
CA LYS D 154 -28.02 3.71 20.34
C LYS D 154 -28.92 4.07 19.16
N LYS D 155 -28.79 3.38 18.02
CA LYS D 155 -29.65 3.63 16.88
C LYS D 155 -30.91 2.77 16.97
N GLY D 156 -31.07 2.00 18.05
CA GLY D 156 -32.28 1.25 18.31
C GLY D 156 -32.39 -0.06 17.52
N PHE D 157 -31.24 -0.64 17.15
CA PHE D 157 -31.24 -1.89 16.41
C PHE D 157 -31.12 -3.09 17.35
N LEU D 158 -30.76 -2.81 18.62
CA LEU D 158 -30.71 -3.83 19.67
C LEU D 158 -31.47 -3.32 20.88
N GLY D 159 -31.68 -4.20 21.87
CA GLY D 159 -32.45 -3.85 23.05
C GLY D 159 -33.86 -4.44 22.98
N LYS D 160 -34.79 -3.85 23.73
CA LYS D 160 -36.17 -4.30 23.75
C LYS D 160 -36.96 -3.66 22.60
N ASN D 161 -37.97 -4.40 22.12
CA ASN D 161 -38.96 -3.86 21.21
C ASN D 161 -38.26 -3.11 20.09
N ILE D 162 -37.37 -3.82 19.36
CA ILE D 162 -36.53 -3.24 18.33
C ILE D 162 -37.40 -2.68 17.22
N LEU D 163 -37.27 -1.36 16.98
CA LEU D 163 -38.00 -0.63 15.96
C LEU D 163 -39.50 -0.92 16.05
N GLY D 164 -40.01 -1.07 17.28
CA GLY D 164 -41.44 -1.22 17.52
C GLY D 164 -41.99 -2.57 17.10
N SER D 165 -41.10 -3.55 16.90
CA SER D 165 -41.48 -4.87 16.38
C SER D 165 -41.99 -5.78 17.51
N GLY D 166 -41.66 -5.42 18.75
CA GLY D 166 -41.86 -6.32 19.87
C GLY D 166 -40.77 -7.38 19.98
N PHE D 167 -39.73 -7.33 19.14
CA PHE D 167 -38.64 -8.28 19.21
C PHE D 167 -37.49 -7.71 20.06
N ASP D 168 -37.07 -8.49 21.05
CA ASP D 168 -36.00 -8.13 21.97
C ASP D 168 -34.75 -8.93 21.65
N LEU D 169 -33.58 -8.27 21.70
CA LEU D 169 -32.32 -8.98 21.51
C LEU D 169 -31.18 -8.25 22.23
N GLU D 170 -30.36 -9.05 22.93
CA GLU D 170 -29.05 -8.64 23.40
C GLU D 170 -28.02 -9.57 22.77
N ILE D 171 -26.91 -8.98 22.31
CA ILE D 171 -25.77 -9.72 21.79
C ILE D 171 -24.63 -9.56 22.80
N TYR D 172 -24.16 -10.69 23.32
CA TYR D 172 -23.05 -10.74 24.25
C TYR D 172 -21.81 -11.20 23.48
N VAL D 173 -20.66 -10.61 23.80
CA VAL D 173 -19.42 -10.98 23.15
C VAL D 173 -18.55 -11.72 24.17
N ALA D 174 -18.25 -12.98 23.85
CA ALA D 174 -17.39 -13.82 24.65
C ALA D 174 -16.03 -13.96 23.94
N ARG D 175 -14.98 -14.18 24.73
CA ARG D 175 -13.64 -14.38 24.20
C ARG D 175 -13.17 -15.81 24.51
N GLY D 176 -12.54 -16.43 23.51
CA GLY D 176 -11.77 -17.64 23.69
C GLY D 176 -10.48 -17.36 24.45
N ALA D 177 -9.67 -18.40 24.69
CA ALA D 177 -8.41 -18.20 25.38
C ALA D 177 -7.37 -19.23 24.95
N GLY D 178 -7.41 -19.66 23.68
CA GLY D 178 -6.26 -20.30 23.04
C GLY D 178 -6.49 -21.73 22.54
N ALA D 179 -7.74 -22.20 22.52
CA ALA D 179 -8.05 -23.56 22.11
C ALA D 179 -8.78 -23.54 20.77
N TYR D 180 -8.11 -24.08 19.74
CA TYR D 180 -8.69 -24.27 18.42
C TYR D 180 -10.01 -25.06 18.52
N ILE D 181 -10.06 -25.99 19.49
CA ILE D 181 -11.20 -26.91 19.60
C ILE D 181 -12.49 -26.14 19.92
N CYS D 182 -12.36 -24.94 20.52
CA CYS D 182 -13.51 -24.14 20.89
C CYS D 182 -14.21 -23.54 19.66
N GLY D 183 -13.68 -23.80 18.46
CA GLY D 183 -14.39 -23.53 17.22
C GLY D 183 -15.37 -24.64 16.85
N GLU D 184 -15.15 -25.86 17.37
CA GLU D 184 -16.14 -26.91 17.28
C GLU D 184 -17.36 -26.48 18.10
N GLU D 185 -18.54 -26.53 17.49
CA GLU D 185 -19.72 -25.84 18.01
C GLU D 185 -20.11 -26.30 19.43
N THR D 186 -19.94 -27.59 19.77
CA THR D 186 -20.34 -28.07 21.08
C THR D 186 -19.30 -27.66 22.13
N ALA D 187 -18.02 -27.58 21.76
CA ALA D 187 -16.99 -27.13 22.68
C ALA D 187 -17.09 -25.62 22.90
N LEU D 188 -17.49 -24.90 21.84
CA LEU D 188 -17.78 -23.47 21.94
C LEU D 188 -18.84 -23.26 23.01
N ILE D 189 -19.93 -24.04 22.93
CA ILE D 189 -21.04 -23.92 23.86
C ILE D 189 -20.56 -24.23 25.28
N GLU D 190 -19.79 -25.32 25.48
CA GLU D 190 -19.22 -25.62 26.78
C GLU D 190 -18.45 -24.42 27.33
N SER D 191 -17.64 -23.77 26.47
CA SER D 191 -16.84 -22.62 26.86
C SER D 191 -17.74 -21.43 27.25
N LEU D 192 -18.85 -21.23 26.51
CA LEU D 192 -19.79 -20.17 26.83
C LEU D 192 -20.45 -20.43 28.19
N GLU D 193 -20.59 -21.71 28.56
CA GLU D 193 -21.18 -22.10 29.83
C GLU D 193 -20.12 -22.05 30.94
N GLY D 194 -18.90 -21.61 30.61
CA GLY D 194 -17.88 -21.31 31.60
C GLY D 194 -16.98 -22.50 31.93
N LYS D 195 -16.92 -23.48 31.01
CA LYS D 195 -16.19 -24.71 31.24
C LYS D 195 -15.05 -24.85 30.22
N ARG D 196 -14.33 -25.97 30.33
CA ARG D 196 -13.33 -26.36 29.36
C ARG D 196 -14.00 -26.66 28.02
N GLY D 197 -13.25 -26.45 26.94
CA GLY D 197 -13.76 -26.66 25.60
C GLY D 197 -13.74 -28.13 25.21
N HIS D 198 -14.69 -28.89 25.74
CA HIS D 198 -14.75 -30.32 25.51
C HIS D 198 -15.95 -30.60 24.61
N PRO D 199 -15.75 -31.04 23.36
CA PRO D 199 -16.86 -31.44 22.51
C PRO D 199 -17.78 -32.48 23.16
N ARG D 200 -19.08 -32.33 22.87
CA ARG D 200 -20.10 -33.27 23.29
C ARG D 200 -20.43 -34.21 22.13
N LEU D 201 -20.86 -35.42 22.49
CA LEU D 201 -21.35 -36.39 21.53
C LEU D 201 -22.54 -35.79 20.77
N LYS D 202 -22.55 -36.05 19.45
CA LYS D 202 -23.46 -35.47 18.49
C LYS D 202 -23.97 -36.61 17.61
N PRO D 203 -25.29 -36.91 17.49
CA PRO D 203 -26.37 -36.13 18.09
C PRO D 203 -26.43 -36.26 19.60
N PRO D 204 -27.19 -35.41 20.33
CA PRO D 204 -28.02 -34.37 19.71
C PRO D 204 -27.21 -33.24 19.08
N TYR D 205 -27.74 -32.66 18.00
CA TYR D 205 -27.16 -31.46 17.42
C TYR D 205 -27.61 -30.27 18.26
N PRO D 206 -26.86 -29.14 18.29
CA PRO D 206 -27.21 -27.99 19.10
C PRO D 206 -28.64 -27.47 18.89
N VAL D 207 -29.17 -27.60 17.67
CA VAL D 207 -30.51 -27.12 17.37
C VAL D 207 -31.53 -27.87 18.22
N GLN D 208 -31.17 -29.06 18.72
CA GLN D 208 -32.01 -29.80 19.63
C GLN D 208 -31.63 -29.50 21.08
N LYS D 209 -30.33 -29.64 21.39
CA LYS D 209 -29.80 -29.37 22.72
C LYS D 209 -28.45 -28.68 22.59
N GLY D 210 -28.40 -27.40 22.97
CA GLY D 210 -27.17 -26.61 22.91
C GLY D 210 -26.91 -25.89 24.23
N LEU D 211 -26.86 -24.55 24.17
CA LEU D 211 -26.57 -23.73 25.33
C LEU D 211 -27.66 -23.91 26.38
N TRP D 212 -27.23 -24.28 27.59
CA TRP D 212 -28.11 -24.61 28.70
C TRP D 212 -29.11 -25.70 28.30
N GLY D 213 -28.75 -26.54 27.31
CA GLY D 213 -29.61 -27.63 26.88
C GLY D 213 -30.78 -27.21 25.99
N LYS D 214 -30.80 -25.94 25.56
CA LYS D 214 -31.91 -25.37 24.81
C LYS D 214 -31.58 -25.34 23.33
N PRO D 215 -32.59 -25.30 22.43
CA PRO D 215 -32.33 -25.19 20.99
C PRO D 215 -31.40 -24.02 20.69
N THR D 216 -30.31 -24.32 19.96
CA THR D 216 -29.25 -23.36 19.70
C THR D 216 -28.80 -23.50 18.24
N VAL D 217 -28.81 -22.39 17.51
CA VAL D 217 -28.18 -22.33 16.20
C VAL D 217 -26.78 -21.74 16.36
N VAL D 218 -25.77 -22.49 15.89
CA VAL D 218 -24.42 -21.98 15.72
C VAL D 218 -24.20 -21.79 14.22
N ASN D 219 -23.75 -20.59 13.85
CA ASN D 219 -23.36 -20.30 12.47
C ASN D 219 -22.05 -19.51 12.47
N ASN D 220 -21.29 -19.72 11.39
CA ASN D 220 -20.02 -19.05 11.15
C ASN D 220 -20.27 -17.59 10.76
N VAL D 221 -19.30 -16.72 11.12
CA VAL D 221 -19.32 -15.30 10.80
C VAL D 221 -19.72 -15.05 9.35
N GLU D 222 -19.03 -15.70 8.41
CA GLU D 222 -19.24 -15.47 7.00
C GLU D 222 -20.65 -15.86 6.59
N THR D 223 -21.16 -16.99 7.12
CA THR D 223 -22.50 -17.44 6.83
C THR D 223 -23.50 -16.34 7.15
N ILE D 224 -23.37 -15.81 8.37
CA ILE D 224 -24.30 -14.84 8.92
C ILE D 224 -24.27 -13.56 8.10
N ALA D 225 -23.06 -13.18 7.63
CA ALA D 225 -22.85 -11.99 6.83
C ALA D 225 -23.60 -12.02 5.49
N ASN D 226 -24.02 -13.21 5.04
CA ASN D 226 -24.79 -13.34 3.80
C ASN D 226 -26.26 -12.98 4.02
N VAL D 227 -26.72 -13.05 5.26
CA VAL D 227 -28.15 -12.99 5.54
C VAL D 227 -28.72 -11.62 5.15
N PRO D 228 -28.07 -10.48 5.47
CA PRO D 228 -28.60 -9.17 5.07
C PRO D 228 -28.82 -9.04 3.56
N PHE D 229 -27.90 -9.60 2.76
CA PHE D 229 -28.02 -9.60 1.31
C PHE D 229 -29.24 -10.40 0.87
N ILE D 230 -29.43 -11.59 1.45
CA ILE D 230 -30.53 -12.45 1.07
C ILE D 230 -31.87 -11.73 1.28
N ILE D 231 -31.99 -10.99 2.39
CA ILE D 231 -33.22 -10.27 2.69
C ILE D 231 -33.32 -9.05 1.78
N SER D 232 -32.18 -8.38 1.58
CA SER D 232 -32.16 -7.11 0.86
C SER D 232 -32.49 -7.30 -0.60
N MET D 233 -31.87 -8.28 -1.28
CA MET D 233 -32.07 -8.42 -2.71
C MET D 233 -33.11 -9.49 -3.02
N GLY D 234 -33.59 -10.20 -2.00
CA GLY D 234 -34.47 -11.34 -2.21
C GLY D 234 -33.68 -12.58 -2.59
N TRP D 235 -34.25 -13.77 -2.34
CA TRP D 235 -33.55 -15.02 -2.55
C TRP D 235 -33.29 -15.28 -4.03
N GLU D 236 -34.20 -14.81 -4.91
CA GLU D 236 -34.08 -15.06 -6.34
C GLU D 236 -32.80 -14.42 -6.88
N GLU D 237 -32.62 -13.14 -6.55
CA GLU D 237 -31.49 -12.36 -7.03
C GLU D 237 -30.19 -12.91 -6.44
N TYR D 238 -30.22 -13.32 -5.16
CA TYR D 238 -29.07 -13.90 -4.50
C TYR D 238 -28.64 -15.16 -5.24
N ARG D 239 -29.62 -16.01 -5.58
CA ARG D 239 -29.35 -17.26 -6.26
C ARG D 239 -28.82 -17.03 -7.68
N TYR D 240 -28.98 -15.81 -8.19
CA TYR D 240 -28.46 -15.42 -9.50
C TYR D 240 -26.96 -15.10 -9.41
N ILE D 241 -26.42 -15.01 -8.20
CA ILE D 241 -24.98 -14.79 -7.99
C ILE D 241 -24.25 -16.12 -8.12
N GLY D 242 -23.33 -16.21 -9.10
CA GLY D 242 -22.55 -17.43 -9.30
C GLY D 242 -23.40 -18.54 -9.93
N PRO D 243 -23.01 -19.83 -9.76
CA PRO D 243 -23.79 -20.94 -10.31
C PRO D 243 -25.04 -21.21 -9.47
N SER D 244 -26.10 -21.71 -10.12
CA SER D 244 -27.43 -21.78 -9.54
C SER D 244 -27.50 -22.76 -8.35
N ASP D 245 -26.64 -23.80 -8.39
CA ASP D 245 -26.60 -24.82 -7.34
C ASP D 245 -25.80 -24.32 -6.13
N TYR D 246 -24.64 -23.69 -6.39
CA TYR D 246 -23.78 -23.21 -5.32
C TYR D 246 -23.65 -21.69 -5.45
N ALA D 247 -24.75 -21.01 -5.13
CA ALA D 247 -24.89 -19.60 -5.42
C ALA D 247 -24.38 -18.77 -4.26
N GLY D 248 -24.12 -17.49 -4.55
CA GLY D 248 -23.78 -16.52 -3.52
C GLY D 248 -22.29 -16.21 -3.51
N PRO D 249 -21.88 -15.11 -2.84
CA PRO D 249 -20.46 -14.78 -2.71
C PRO D 249 -19.78 -15.75 -1.75
N LYS D 250 -18.46 -15.84 -1.87
CA LYS D 250 -17.63 -16.64 -0.98
C LYS D 250 -16.29 -15.93 -0.80
N LEU D 251 -15.78 -15.91 0.44
CA LEU D 251 -14.47 -15.38 0.76
C LEU D 251 -13.42 -16.49 0.68
N PHE D 252 -12.30 -16.18 0.00
CA PHE D 252 -11.20 -17.11 -0.14
C PHE D 252 -9.93 -16.52 0.46
N PRO D 253 -9.48 -16.95 1.67
CA PRO D 253 -8.22 -16.48 2.23
C PRO D 253 -7.04 -17.24 1.62
N VAL D 254 -6.17 -16.49 0.93
CA VAL D 254 -5.10 -17.06 0.14
C VAL D 254 -3.76 -16.61 0.72
N SER D 255 -2.91 -17.60 1.03
CA SER D 255 -1.62 -17.35 1.63
C SER D 255 -0.57 -18.29 1.03
N GLY D 256 0.67 -18.18 1.53
CA GLY D 256 1.79 -18.94 1.02
C GLY D 256 2.41 -18.26 -0.21
N LYS D 257 2.81 -19.08 -1.17
CA LYS D 257 3.69 -18.65 -2.24
C LYS D 257 2.89 -18.04 -3.41
N VAL D 258 2.10 -17.01 -3.11
CA VAL D 258 1.42 -16.24 -4.15
C VAL D 258 1.93 -14.81 -4.08
N LYS D 259 1.78 -14.08 -5.19
CA LYS D 259 2.23 -12.69 -5.28
C LYS D 259 1.34 -11.78 -4.45
N LYS D 260 0.03 -12.07 -4.42
CA LYS D 260 -0.96 -11.21 -3.78
C LYS D 260 -1.73 -11.97 -2.72
N PRO D 261 -1.11 -12.31 -1.57
CA PRO D 261 -1.83 -12.99 -0.49
C PRO D 261 -2.86 -12.05 0.14
N GLY D 262 -4.04 -12.60 0.44
CA GLY D 262 -5.14 -11.82 0.96
C GLY D 262 -6.48 -12.56 0.82
N VAL D 263 -7.57 -11.83 1.02
CA VAL D 263 -8.91 -12.39 0.95
C VAL D 263 -9.56 -11.96 -0.36
N TYR D 264 -10.17 -12.92 -1.06
CA TYR D 264 -10.83 -12.67 -2.34
C TYR D 264 -12.30 -13.05 -2.26
N GLU D 265 -13.18 -12.09 -2.58
CA GLU D 265 -14.60 -12.36 -2.68
C GLU D 265 -14.93 -12.71 -4.13
N LEU D 266 -15.29 -13.98 -4.36
CA LEU D 266 -15.48 -14.51 -5.71
C LEU D 266 -16.70 -15.42 -5.72
N PRO D 267 -17.31 -15.71 -6.89
CA PRO D 267 -18.31 -16.77 -6.98
C PRO D 267 -17.64 -18.14 -6.96
N MET D 268 -18.43 -19.16 -6.62
CA MET D 268 -17.92 -20.48 -6.30
C MET D 268 -17.82 -21.36 -7.56
N ASN D 269 -18.03 -20.76 -8.74
CA ASN D 269 -17.68 -21.43 -9.99
C ASN D 269 -16.23 -21.17 -10.35
N THR D 270 -15.59 -20.19 -9.70
CA THR D 270 -14.17 -19.95 -9.85
C THR D 270 -13.38 -21.22 -9.55
N THR D 271 -12.34 -21.49 -10.35
CA THR D 271 -11.51 -22.66 -10.13
C THR D 271 -10.34 -22.30 -9.22
N LEU D 272 -9.72 -23.33 -8.64
CA LEU D 272 -8.57 -23.14 -7.77
C LEU D 272 -7.45 -22.49 -8.55
N ARG D 273 -7.25 -22.90 -9.81
CA ARG D 273 -6.26 -22.31 -10.69
C ARG D 273 -6.50 -20.81 -10.85
N GLU D 274 -7.76 -20.41 -11.07
CA GLU D 274 -8.09 -19.01 -11.25
C GLU D 274 -7.77 -18.22 -9.98
N VAL D 275 -8.11 -18.79 -8.81
CA VAL D 275 -7.83 -18.13 -7.54
C VAL D 275 -6.36 -17.75 -7.45
N ILE D 276 -5.47 -18.71 -7.77
CA ILE D 276 -4.04 -18.53 -7.61
C ILE D 276 -3.49 -17.61 -8.69
N PHE D 277 -3.86 -17.85 -9.96
CA PHE D 277 -3.18 -17.23 -11.08
C PHE D 277 -3.93 -15.99 -11.57
N LYS D 278 -5.27 -16.07 -11.64
CA LYS D 278 -6.08 -14.99 -12.15
C LYS D 278 -6.22 -13.88 -11.11
N TYR D 279 -6.45 -14.25 -9.84
CA TYR D 279 -6.75 -13.25 -8.83
C TYR D 279 -5.52 -12.99 -7.95
N ALA D 280 -4.88 -14.04 -7.42
CA ALA D 280 -3.82 -13.87 -6.44
C ALA D 280 -2.48 -13.53 -7.07
N GLY D 281 -2.43 -13.35 -8.40
CA GLY D 281 -1.28 -12.78 -9.08
C GLY D 281 -0.23 -13.82 -9.49
N GLY D 282 -0.57 -15.11 -9.37
CA GLY D 282 0.36 -16.19 -9.64
C GLY D 282 1.29 -16.45 -8.45
N THR D 283 2.33 -17.24 -8.68
CA THR D 283 3.21 -17.72 -7.63
C THR D 283 4.39 -16.77 -7.46
N LEU D 284 4.97 -16.74 -6.25
CA LEU D 284 6.22 -16.04 -6.02
C LEU D 284 7.29 -16.61 -6.94
N GLY D 285 8.00 -15.72 -7.65
CA GLY D 285 9.07 -16.11 -8.54
C GLY D 285 8.58 -16.94 -9.74
N ASN D 286 7.26 -16.96 -9.98
CA ASN D 286 6.68 -17.73 -11.07
C ASN D 286 7.08 -19.20 -10.97
N LYS D 287 7.22 -19.71 -9.74
CA LYS D 287 7.59 -21.10 -9.54
C LYS D 287 6.35 -22.00 -9.67
N LYS D 288 6.57 -23.25 -10.08
CA LYS D 288 5.49 -24.21 -10.25
C LYS D 288 4.81 -24.48 -8.90
N VAL D 289 3.48 -24.59 -8.94
CA VAL D 289 2.72 -24.98 -7.76
C VAL D 289 2.98 -26.47 -7.51
N LYS D 290 3.29 -26.82 -6.26
CA LYS D 290 3.49 -28.21 -5.86
C LYS D 290 2.22 -28.75 -5.22
N ALA D 291 1.68 -28.00 -4.25
CA ALA D 291 0.47 -28.40 -3.56
C ALA D 291 -0.28 -27.18 -3.07
N VAL D 292 -1.58 -27.37 -2.83
CA VAL D 292 -2.39 -26.43 -2.08
C VAL D 292 -2.90 -27.17 -0.85
N PHE D 293 -2.61 -26.61 0.34
CA PHE D 293 -3.23 -27.06 1.57
C PHE D 293 -4.54 -26.31 1.80
N SER D 294 -5.66 -27.03 1.79
CA SER D 294 -6.95 -26.53 2.24
C SER D 294 -6.92 -26.47 3.76
N GLY D 295 -6.40 -25.35 4.29
CA GLY D 295 -6.15 -25.21 5.71
C GLY D 295 -5.33 -26.39 6.24
N ALA D 296 -5.84 -27.05 7.28
CA ALA D 296 -5.22 -28.27 7.78
C ALA D 296 -6.09 -29.48 7.47
N LEU D 297 -6.91 -29.40 6.40
CA LEU D 297 -7.91 -30.42 6.13
C LEU D 297 -7.49 -31.31 4.96
N ASP D 298 -7.17 -30.71 3.81
CA ASP D 298 -6.88 -31.45 2.59
C ASP D 298 -5.58 -30.95 1.97
N CYS D 299 -5.02 -31.78 1.09
CA CYS D 299 -3.87 -31.42 0.26
C CYS D 299 -4.16 -31.78 -1.19
N PHE D 300 -4.20 -30.74 -2.04
CA PHE D 300 -4.39 -30.92 -3.48
C PHE D 300 -3.03 -30.83 -4.16
N SER D 301 -2.83 -31.69 -5.18
CA SER D 301 -1.65 -31.67 -6.01
C SER D 301 -1.85 -30.67 -7.15
N SER D 302 -0.80 -30.47 -7.95
CA SER D 302 -0.84 -29.55 -9.07
C SER D 302 -1.68 -30.11 -10.23
N GLU D 303 -2.08 -31.38 -10.12
CA GLU D 303 -2.99 -31.98 -11.08
C GLU D 303 -4.44 -31.69 -10.73
N GLU D 304 -4.71 -31.02 -9.61
CA GLU D 304 -6.07 -30.83 -9.14
C GLU D 304 -6.45 -29.34 -9.09
N LEU D 305 -5.84 -28.52 -9.95
CA LEU D 305 -6.01 -27.08 -9.86
C LEU D 305 -7.30 -26.62 -10.55
N ASP D 306 -7.90 -27.49 -11.37
CA ASP D 306 -9.01 -27.07 -12.22
C ASP D 306 -10.35 -27.36 -11.55
N ILE D 307 -10.36 -27.69 -10.25
CA ILE D 307 -11.59 -27.99 -9.54
C ILE D 307 -12.32 -26.70 -9.18
N PRO D 308 -13.67 -26.71 -9.14
CA PRO D 308 -14.45 -25.54 -8.73
C PRO D 308 -14.35 -25.32 -7.23
N MET D 309 -14.44 -24.05 -6.80
CA MET D 309 -14.31 -23.70 -5.40
C MET D 309 -15.69 -23.74 -4.75
N ASP D 310 -16.38 -24.88 -4.90
CA ASP D 310 -17.77 -25.01 -4.48
C ASP D 310 -17.89 -26.15 -3.47
N TYR D 311 -19.13 -26.51 -3.14
CA TYR D 311 -19.41 -27.53 -2.14
C TYR D 311 -19.89 -28.82 -2.81
N SER D 312 -19.55 -28.96 -4.10
CA SER D 312 -19.86 -30.16 -4.85
C SER D 312 -18.90 -31.27 -4.42
N PRO D 313 -19.23 -32.56 -4.70
CA PRO D 313 -18.36 -33.67 -4.30
C PRO D 313 -16.93 -33.60 -4.82
N LEU D 314 -16.74 -33.03 -6.02
CA LEU D 314 -15.41 -32.95 -6.63
C LEU D 314 -14.82 -31.56 -6.42
N GLY D 315 -15.51 -30.69 -5.68
CA GLY D 315 -15.09 -29.31 -5.47
C GLY D 315 -14.06 -29.18 -4.34
N PHE D 316 -13.59 -27.95 -4.13
CA PHE D 316 -12.54 -27.68 -3.16
C PHE D 316 -13.10 -27.84 -1.75
N GLY D 317 -14.27 -27.24 -1.52
CA GLY D 317 -15.00 -27.41 -0.29
C GLY D 317 -14.36 -26.66 0.87
N GLY D 318 -14.48 -27.23 2.07
CA GLY D 318 -13.96 -26.62 3.28
C GLY D 318 -14.41 -25.18 3.45
N THR D 319 -13.47 -24.32 3.89
CA THR D 319 -13.72 -22.92 4.10
C THR D 319 -13.19 -22.08 2.94
N GLY D 320 -12.72 -22.73 1.87
CA GLY D 320 -12.05 -22.05 0.77
C GLY D 320 -10.67 -21.51 1.12
N THR D 321 -10.03 -22.08 2.17
CA THR D 321 -8.69 -21.67 2.56
C THR D 321 -7.66 -22.24 1.58
N VAL D 322 -6.80 -21.35 1.06
CA VAL D 322 -5.87 -21.70 0.00
C VAL D 322 -4.46 -21.30 0.41
N ILE D 323 -3.70 -22.30 0.89
CA ILE D 323 -2.28 -22.16 1.17
C ILE D 323 -1.51 -22.80 0.02
N VAL D 324 -0.71 -21.99 -0.69
CA VAL D 324 0.03 -22.44 -1.85
C VAL D 324 1.48 -22.76 -1.46
N LEU D 325 1.91 -23.99 -1.81
CA LEU D 325 3.30 -24.40 -1.74
C LEU D 325 3.84 -24.55 -3.16
N THR D 326 5.10 -24.16 -3.37
CA THR D 326 5.70 -24.25 -4.70
C THR D 326 6.77 -25.35 -4.68
N GLU D 327 7.44 -25.49 -5.83
CA GLU D 327 8.26 -26.66 -6.16
C GLU D 327 9.39 -26.92 -5.17
N GLU D 328 9.91 -25.87 -4.48
CA GLU D 328 11.04 -26.06 -3.58
C GLU D 328 10.59 -26.26 -2.14
N ASP D 329 9.28 -26.23 -1.87
CA ASP D 329 8.78 -26.43 -0.51
C ASP D 329 8.74 -27.91 -0.18
N ASP D 330 9.38 -28.26 0.95
CA ASP D 330 9.48 -29.65 1.40
C ASP D 330 8.15 -30.10 1.99
N ILE D 331 7.52 -31.10 1.37
CA ILE D 331 6.18 -31.56 1.74
C ILE D 331 6.19 -32.23 3.12
N VAL D 332 7.30 -32.91 3.47
CA VAL D 332 7.41 -33.61 4.74
C VAL D 332 7.51 -32.57 5.86
N GLU D 333 8.27 -31.51 5.61
CA GLU D 333 8.40 -30.40 6.54
C GLU D 333 7.03 -29.74 6.78
N ALA D 334 6.27 -29.57 5.69
CA ALA D 334 4.94 -28.98 5.75
C ALA D 334 3.98 -29.87 6.54
N ALA D 335 4.00 -31.18 6.27
CA ALA D 335 3.17 -32.15 6.97
C ALA D 335 3.50 -32.16 8.46
N LEU D 336 4.78 -32.00 8.82
CA LEU D 336 5.17 -31.88 10.21
C LEU D 336 4.44 -30.72 10.89
N LYS D 337 4.28 -29.59 10.19
CA LYS D 337 3.65 -28.41 10.78
C LYS D 337 2.16 -28.68 11.01
N ILE D 338 1.53 -29.35 10.05
CA ILE D 338 0.15 -29.78 10.21
C ILE D 338 0.06 -30.76 11.40
N ALA D 339 0.99 -31.72 11.49
CA ALA D 339 0.95 -32.67 12.59
C ALA D 339 1.07 -31.95 13.93
N GLU D 340 1.96 -30.96 13.99
CA GLU D 340 2.21 -30.17 15.19
C GLU D 340 0.93 -29.46 15.63
N PHE D 341 0.22 -28.84 14.66
CA PHE D 341 -1.05 -28.17 14.93
C PHE D 341 -2.02 -29.10 15.68
N TYR D 342 -2.26 -30.31 15.16
CA TYR D 342 -3.23 -31.23 15.76
C TYR D 342 -2.75 -31.71 17.13
N GLU D 343 -1.43 -31.93 17.31
CA GLU D 343 -0.87 -32.29 18.61
C GLU D 343 -1.22 -31.22 19.65
N HIS D 344 -1.10 -29.95 19.27
N HIS D 344 -1.11 -29.95 19.27
CA HIS D 344 -1.30 -28.84 20.19
CA HIS D 344 -1.28 -28.85 20.20
C HIS D 344 -2.79 -28.65 20.53
C HIS D 344 -2.77 -28.58 20.47
N GLU D 345 -3.69 -29.16 19.66
CA GLU D 345 -5.09 -28.78 19.73
C GLU D 345 -6.07 -29.91 20.07
N THR D 346 -5.63 -31.19 20.12
CA THR D 346 -6.50 -32.24 20.61
C THR D 346 -6.87 -31.91 22.07
N CYS D 347 -8.14 -32.06 22.42
CA CYS D 347 -8.62 -31.73 23.77
C CYS D 347 -8.38 -32.90 24.72
N GLY D 348 -8.21 -34.11 24.16
CA GLY D 348 -7.70 -35.25 24.92
C GLY D 348 -8.79 -36.15 25.52
N GLN D 349 -10.07 -35.87 25.24
CA GLN D 349 -11.17 -36.68 25.73
C GLN D 349 -11.11 -38.11 25.19
N CYS D 350 -10.72 -38.24 23.90
CA CYS D 350 -10.75 -39.53 23.22
C CYS D 350 -9.30 -40.05 23.10
N THR D 351 -9.13 -41.35 23.37
CA THR D 351 -7.79 -41.90 23.55
C THR D 351 -7.03 -41.95 22.22
N PRO D 352 -7.58 -42.53 21.12
CA PRO D 352 -6.85 -42.54 19.85
C PRO D 352 -6.49 -41.13 19.38
N CYS D 353 -7.40 -40.17 19.60
CA CYS D 353 -7.14 -38.78 19.26
C CYS D 353 -6.03 -38.20 20.15
N ARG D 354 -6.17 -38.39 21.47
N ARG D 354 -6.16 -38.39 21.46
CA ARG D 354 -5.22 -37.87 22.43
CA ARG D 354 -5.20 -37.84 22.42
C ARG D 354 -3.81 -38.37 22.12
C ARG D 354 -3.80 -38.37 22.12
N VAL D 355 -3.65 -39.70 22.01
CA VAL D 355 -2.33 -40.31 21.85
C VAL D 355 -1.90 -40.25 20.38
N GLY D 356 -2.88 -40.36 19.46
CA GLY D 356 -2.61 -40.34 18.03
C GLY D 356 -2.07 -39.00 17.53
N CYS D 357 -2.71 -37.88 17.90
CA CYS D 357 -2.21 -36.58 17.49
C CYS D 357 -0.80 -36.35 18.05
N TYR D 358 -0.57 -36.82 19.28
CA TYR D 358 0.71 -36.65 19.94
C TYR D 358 1.79 -37.46 19.22
N GLU D 359 1.51 -38.74 18.97
CA GLU D 359 2.50 -39.66 18.40
C GLU D 359 2.74 -39.32 16.93
N GLN D 360 1.70 -38.86 16.22
CA GLN D 360 1.85 -38.44 14.84
C GLN D 360 2.91 -37.36 14.74
N ALA D 361 2.82 -36.35 15.63
CA ALA D 361 3.76 -35.24 15.62
C ALA D 361 5.15 -35.69 16.05
N ASN D 362 5.20 -36.50 17.10
CA ASN D 362 6.45 -36.88 17.73
C ASN D 362 7.27 -37.77 16.78
N LEU D 363 6.58 -38.72 16.14
CA LEU D 363 7.24 -39.64 15.22
C LEU D 363 7.64 -38.91 13.93
N LEU D 364 6.76 -38.04 13.43
CA LEU D 364 7.03 -37.34 12.18
C LEU D 364 8.24 -36.41 12.36
N GLU D 365 8.42 -35.86 13.58
CA GLU D 365 9.59 -35.04 13.86
C GLU D 365 10.86 -35.88 13.78
N LYS D 366 10.80 -37.12 14.27
CA LYS D 366 11.94 -38.03 14.22
C LYS D 366 12.28 -38.34 12.76
N ILE D 367 11.24 -38.57 11.95
CA ILE D 367 11.41 -38.88 10.54
C ILE D 367 12.08 -37.69 9.86
N TYR D 368 11.57 -36.49 10.16
CA TYR D 368 12.04 -35.28 9.52
C TYR D 368 13.52 -35.05 9.85
N LYS D 369 13.90 -35.27 11.12
CA LYS D 369 15.26 -35.02 11.57
C LYS D 369 16.19 -36.18 11.18
N GLY D 370 15.64 -37.24 10.59
CA GLY D 370 16.43 -38.39 10.17
C GLY D 370 16.82 -39.30 11.33
N GLU D 371 16.00 -39.32 12.39
CA GLU D 371 16.28 -40.06 13.62
C GLU D 371 15.30 -41.20 13.82
N ALA D 372 14.47 -41.48 12.82
CA ALA D 372 13.42 -42.47 12.93
C ALA D 372 13.99 -43.86 12.71
N THR D 373 13.70 -44.78 13.64
CA THR D 373 13.95 -46.20 13.44
C THR D 373 12.96 -46.76 12.42
N GLU D 374 13.16 -48.02 12.01
CA GLU D 374 12.21 -48.67 11.12
C GLU D 374 10.86 -48.77 11.83
N GLN D 375 10.89 -49.10 13.13
CA GLN D 375 9.69 -49.20 13.95
C GLN D 375 8.98 -47.84 14.06
N ASP D 376 9.75 -46.76 14.14
CA ASP D 376 9.19 -45.41 14.19
C ASP D 376 8.44 -45.10 12.88
N TRP D 377 9.00 -45.57 11.76
CA TRP D 377 8.40 -45.37 10.45
C TRP D 377 7.06 -46.11 10.35
N GLU D 378 7.08 -47.42 10.64
CA GLU D 378 5.88 -48.24 10.61
C GLU D 378 4.86 -47.75 11.65
N GLY D 379 5.35 -47.30 12.82
CA GLY D 379 4.49 -46.73 13.86
C GLY D 379 3.77 -45.46 13.41
N PHE D 380 4.52 -44.58 12.73
CA PHE D 380 3.96 -43.35 12.18
C PHE D 380 2.79 -43.67 11.25
N ASP D 381 3.03 -44.56 10.27
CA ASP D 381 2.02 -44.97 9.32
C ASP D 381 0.77 -45.47 10.06
N PHE D 382 0.97 -46.35 11.04
CA PHE D 382 -0.13 -46.93 11.79
C PHE D 382 -0.91 -45.84 12.54
N VAL D 383 -0.20 -44.95 13.23
CA VAL D 383 -0.83 -43.93 14.07
C VAL D 383 -1.66 -42.98 13.21
N ASN D 384 -1.11 -42.59 12.06
CA ASN D 384 -1.79 -41.73 11.10
C ASN D 384 -3.13 -42.33 10.68
N ARG D 385 -3.21 -43.67 10.59
CA ARG D 385 -4.43 -44.34 10.16
C ARG D 385 -5.41 -44.57 11.31
N ASN D 386 -5.02 -44.25 12.56
CA ASN D 386 -5.79 -44.70 13.72
C ASN D 386 -5.94 -43.58 14.77
N ILE D 387 -6.09 -42.34 14.30
CA ILE D 387 -6.43 -41.22 15.16
C ILE D 387 -7.95 -41.17 15.35
N GLN D 388 -8.68 -41.59 14.31
CA GLN D 388 -10.11 -41.36 14.20
C GLN D 388 -10.93 -42.27 15.12
N PRO D 389 -10.62 -43.58 15.31
CA PRO D 389 -11.52 -44.48 16.03
C PRO D 389 -11.99 -43.95 17.39
N THR D 390 -13.31 -44.05 17.63
CA THR D 390 -13.99 -43.68 18.86
C THR D 390 -14.09 -42.16 19.06
N SER D 391 -13.54 -41.37 18.13
CA SER D 391 -13.54 -39.92 18.25
C SER D 391 -14.98 -39.39 18.24
N ILE D 392 -15.25 -38.38 19.07
CA ILE D 392 -16.59 -37.83 19.19
C ILE D 392 -16.73 -36.50 18.48
N CYS D 393 -15.64 -35.94 17.91
CA CYS D 393 -15.76 -34.73 17.10
C CYS D 393 -14.85 -34.85 15.86
N GLY D 394 -14.93 -33.82 15.00
CA GLY D 394 -14.30 -33.85 13.68
C GLY D 394 -12.78 -33.72 13.70
N LEU D 395 -12.19 -33.20 14.79
CA LEU D 395 -10.75 -33.06 14.87
C LEU D 395 -10.10 -34.45 14.75
N GLY D 396 -10.56 -35.40 15.58
CA GLY D 396 -10.06 -36.77 15.53
C GLY D 396 -10.25 -37.40 14.14
N ALA D 397 -11.39 -37.09 13.51
CA ALA D 397 -11.72 -37.63 12.20
C ALA D 397 -10.76 -37.13 11.11
N VAL D 398 -10.14 -35.95 11.27
CA VAL D 398 -9.35 -35.36 10.19
C VAL D 398 -7.88 -35.14 10.55
N ALA D 399 -7.46 -35.43 11.79
CA ALA D 399 -6.10 -35.08 12.21
C ALA D 399 -5.06 -35.77 11.33
N GLY D 400 -5.43 -36.90 10.70
CA GLY D 400 -4.49 -37.62 9.85
C GLY D 400 -4.75 -37.43 8.36
N ARG D 401 -5.79 -36.66 8.00
CA ARG D 401 -6.35 -36.68 6.65
C ARG D 401 -5.37 -36.07 5.64
N LEU D 402 -4.97 -34.82 5.89
CA LEU D 402 -4.07 -34.11 5.00
C LEU D 402 -2.75 -34.87 4.85
N ILE D 403 -2.21 -35.36 5.98
CA ILE D 403 -0.92 -36.01 5.99
C ILE D 403 -0.96 -37.30 5.17
N ARG D 404 -2.05 -38.06 5.28
CA ARG D 404 -2.25 -39.24 4.44
C ARG D 404 -2.25 -38.84 2.98
N GLN D 405 -2.93 -37.74 2.63
CA GLN D 405 -3.02 -37.31 1.23
C GLN D 405 -1.62 -36.98 0.69
N THR D 406 -0.75 -36.39 1.51
CA THR D 406 0.62 -36.10 1.10
C THR D 406 1.40 -37.40 0.89
N LEU D 407 1.14 -38.42 1.73
CA LEU D 407 1.81 -39.70 1.57
C LEU D 407 1.40 -40.35 0.24
N GLU D 408 0.15 -40.16 -0.17
CA GLU D 408 -0.37 -40.78 -1.38
C GLU D 408 0.01 -39.99 -2.63
N LYS D 409 0.08 -38.66 -2.52
CA LYS D 409 0.26 -37.82 -3.69
C LYS D 409 1.73 -37.49 -3.91
N PHE D 410 2.56 -37.62 -2.86
CA PHE D 410 3.97 -37.29 -2.97
C PHE D 410 4.82 -38.43 -2.43
N PRO D 411 4.64 -39.67 -2.94
CA PRO D 411 5.34 -40.84 -2.38
C PRO D 411 6.86 -40.70 -2.47
N GLU D 412 7.33 -40.14 -3.61
CA GLU D 412 8.74 -40.03 -3.89
C GLU D 412 9.44 -39.15 -2.85
N GLU D 413 8.76 -38.11 -2.35
CA GLU D 413 9.38 -37.17 -1.44
C GLU D 413 9.50 -37.78 -0.04
N TRP D 414 8.50 -38.57 0.37
CA TRP D 414 8.54 -39.31 1.62
C TRP D 414 9.61 -40.39 1.57
N GLU D 415 9.71 -41.08 0.42
CA GLU D 415 10.70 -42.15 0.23
C GLU D 415 12.11 -41.63 0.49
N LYS D 416 12.39 -40.41 0.01
CA LYS D 416 13.69 -39.77 0.23
C LYS D 416 14.03 -39.77 1.71
N TYR D 417 13.03 -39.55 2.57
CA TYR D 417 13.23 -39.49 4.01
C TYR D 417 13.43 -40.88 4.62
N ARG D 418 12.82 -41.91 4.02
CA ARG D 418 12.98 -43.29 4.46
C ARG D 418 14.33 -43.82 3.97
N LYS D 419 14.54 -43.76 2.64
CA LYS D 419 15.81 -44.10 2.01
C LYS D 419 16.75 -42.88 2.07
#